data_4K5P
#
_entry.id   4K5P
#
_cell.length_a   75.794
_cell.length_b   109.048
_cell.length_c   118.840
_cell.angle_alpha   90.000
_cell.angle_beta   90.000
_cell.angle_gamma   90.000
#
_symmetry.space_group_name_H-M   'P 21 21 21'
#
loop_
_entity.id
_entity.type
_entity.pdbx_description
1 polymer 'M1 family aminopeptidase'
2 non-polymer 'ZINC ION'
3 non-polymer GLYCEROL
4 non-polymer 'MAGNESIUM ION'
5 non-polymer '[(R)-amino(4-carbamimidoylphenyl)methyl]phosphonic acid'
6 water water
#
_entity_poly.entity_id   1
_entity_poly.type   'polypeptide(L)'
_entity_poly.pdbx_seq_one_letter_code
;PKIHYRKDYKPSGFIINQVTLNINIHDQETIVRSVLDMDISKHNVGEDLVFDGVGLKINEISINNKKLVEGEEYTYDNEF
LTIFSKFVPKSKFAFSSEVIIHPETNYALTGLYKSKNIIVSQCEATGFRRITFFIDRPDMMAKYDVTVTADKEKYPVLLS
NGDKVNEFEIPGGRHGARFNDPPLKPCYLFAVVAGDLKHLSATYITKYTKKKVELYVFSEEKYVSKLQWALECLKKSMAF
DEDYFGLEYDLSRLNLVAVSDFNVGAMENKGLNIFNANSLLASKKNSIDFSYARILTVVGHEYFHQYTGNRVTLRDWFQL
TLKEGLTVHRENLFSEEMTKTVTTRLSHVDLLRSVQFLEDSSPLSHPIRPESYVSMENFYTTTVYDKGSEVMRMYLTILG
EEYYKKGFDIYIKKNDGNTATCEDFNYAMEQAYKMKKADNSANLNQYLLWFSQSGTPHVSFKYNYDAEKKQYSIHVNQYT
KPDENQKEKKPLFIPISVGLINPENGKEMISQTTLELTKESDTFVFNNIAVKPIPSLFRGFSAPVYIEDQLTDEERILLL
KYDSDAFVRYNSCTNIYMKQILMNYNEFLKAKNEKLESFQLTPVNAQFIDAIKYLLEDPHADAGFKSYIVSLPQDRYIIN
FVSNLDTDVLADTKEYIYKQIGDKLNDVYYKMFKSLEAKADDLTYFNDESHVDFDQMNMRTLRNTLLSLLSKAQYPNILN
EIIEHSKSPYPSNWLTSLSVSAYFDKYFELYDKTYKLSKDDELLLQEWLKTVSRSDRKDIYEILKKLENEVLKDSKNPND
IRAVYLPFTNNLRRFHDISGKGYKLIAEVITKTDKFNPMVATQLCEPFKLWNKLDTKRQELMLNEMNTMLQEPQISNNLK
EYLLRLTNKHHHHHH
;
_entity_poly.pdbx_strand_id   A
#
# COMPACT_ATOMS: atom_id res chain seq x y z
N PRO A 1 -15.70 2.21 -23.91
CA PRO A 1 -14.79 2.88 -22.95
C PRO A 1 -13.67 3.66 -23.66
N LYS A 2 -13.57 4.96 -23.35
CA LYS A 2 -12.56 5.83 -23.99
C LYS A 2 -11.19 5.49 -23.41
N ILE A 3 -10.15 5.53 -24.22
CA ILE A 3 -8.80 5.29 -23.70
C ILE A 3 -8.02 6.58 -23.68
N HIS A 4 -7.49 6.93 -22.51
CA HIS A 4 -6.75 8.16 -22.34
C HIS A 4 -5.29 7.80 -22.52
N TYR A 5 -4.61 8.49 -23.44
CA TYR A 5 -3.18 8.25 -23.66
C TYR A 5 -2.37 9.40 -23.15
N ARG A 6 -1.26 9.08 -22.49
CA ARG A 6 -0.34 10.10 -21.92
C ARG A 6 0.17 11.10 -22.95
N LYS A 7 0.38 10.62 -24.18
CA LYS A 7 0.91 11.52 -25.24
C LYS A 7 -0.10 12.57 -25.71
N ASP A 8 -1.37 12.35 -25.38
CA ASP A 8 -2.49 13.23 -25.81
C ASP A 8 -2.79 14.42 -24.86
N TYR A 9 -1.95 14.65 -23.84
CA TYR A 9 -2.20 15.72 -22.90
C TYR A 9 -2.23 17.04 -23.66
N LYS A 10 -3.31 17.81 -23.50
CA LYS A 10 -3.26 19.23 -23.87
C LYS A 10 -4.06 20.07 -22.87
N PRO A 11 -3.64 21.30 -22.65
CA PRO A 11 -4.30 22.14 -21.66
C PRO A 11 -5.74 22.44 -22.03
N SER A 12 -6.58 22.71 -21.02
CA SER A 12 -8.01 23.06 -21.21
C SER A 12 -8.16 24.38 -21.98
N GLY A 13 -9.19 24.51 -22.81
CA GLY A 13 -9.48 25.84 -23.39
C GLY A 13 -10.33 26.72 -22.48
N PHE A 14 -10.43 26.33 -21.20
CA PHE A 14 -11.12 27.11 -20.17
C PHE A 14 -10.30 27.32 -18.90
N ILE A 15 -10.68 28.32 -18.11
CA ILE A 15 -10.06 28.55 -16.80
C ILE A 15 -11.18 28.61 -15.78
N ILE A 16 -10.97 28.00 -14.60
CA ILE A 16 -11.93 28.16 -13.52
C ILE A 16 -11.12 28.81 -12.42
N ASN A 17 -11.45 30.06 -12.07
CA ASN A 17 -10.68 30.84 -11.11
C ASN A 17 -11.21 30.71 -9.71
N GLN A 18 -12.52 30.59 -9.59
CA GLN A 18 -13.15 30.62 -8.31
C GLN A 18 -14.32 29.65 -8.27
N VAL A 19 -14.39 28.88 -7.20
CA VAL A 19 -15.55 28.06 -6.93
C VAL A 19 -16.22 28.53 -5.65
N THR A 20 -17.54 28.71 -5.69
CA THR A 20 -18.28 29.07 -4.52
C THR A 20 -19.38 28.04 -4.31
N LEU A 21 -19.28 27.26 -3.24
CA LEU A 21 -20.19 26.13 -3.03
C LEU A 21 -21.14 26.32 -1.88
N ASN A 22 -22.35 25.82 -2.05
CA ASN A 22 -23.27 25.76 -0.97
C ASN A 22 -23.74 24.34 -1.02
N ILE A 23 -23.43 23.62 0.06
CA ILE A 23 -23.83 22.21 0.14
C ILE A 23 -24.85 22.05 1.27
N ASN A 24 -26.13 21.84 0.90
CA ASN A 24 -27.17 21.76 1.87
C ASN A 24 -27.64 20.32 2.06
N ILE A 25 -27.33 19.80 3.24
CA ILE A 25 -27.53 18.39 3.51
C ILE A 25 -28.91 18.21 4.13
N HIS A 26 -29.76 17.44 3.49
CA HIS A 26 -31.07 17.09 4.06
C HIS A 26 -31.16 15.60 4.27
N ASP A 27 -32.22 15.14 4.96
CA ASP A 27 -32.19 13.75 5.34
C ASP A 27 -32.38 12.83 4.14
N GLN A 28 -33.17 13.24 3.15
CA GLN A 28 -33.36 12.40 1.98
C GLN A 28 -32.58 12.88 0.73
N GLU A 29 -31.72 13.90 0.86
CA GLU A 29 -31.03 14.51 -0.30
C GLU A 29 -30.12 15.65 0.09
N THR A 30 -29.14 15.90 -0.77
CA THR A 30 -28.23 16.97 -0.58
C THR A 30 -28.32 17.78 -1.87
N ILE A 31 -28.59 19.06 -1.69
CA ILE A 31 -28.70 20.01 -2.77
C ILE A 31 -27.35 20.69 -2.86
N VAL A 32 -26.72 20.74 -4.02
CA VAL A 32 -25.46 21.43 -4.12
C VAL A 32 -25.57 22.55 -5.14
N ARG A 33 -25.39 23.78 -4.66
CA ARG A 33 -25.33 24.99 -5.52
C ARG A 33 -23.89 25.41 -5.72
N SER A 34 -23.51 25.68 -6.96
CA SER A 34 -22.14 25.95 -7.25
C SER A 34 -22.08 27.07 -8.26
N VAL A 35 -21.26 28.07 -8.03
CA VAL A 35 -20.98 29.08 -9.02
C VAL A 35 -19.53 29.01 -9.33
N LEU A 36 -19.25 28.85 -10.60
CA LEU A 36 -17.87 28.84 -11.05
C LEU A 36 -17.55 30.13 -11.78
N ASP A 37 -16.59 30.89 -11.28
CA ASP A 37 -16.11 32.06 -12.02
C ASP A 37 -15.03 31.60 -13.01
N MET A 38 -15.34 31.72 -14.30
CA MET A 38 -14.58 31.09 -15.35
C MET A 38 -14.09 32.07 -16.38
N ASP A 39 -13.20 31.59 -17.24
CA ASP A 39 -12.60 32.40 -18.30
C ASP A 39 -12.26 31.47 -19.47
N ILE A 40 -11.89 32.06 -20.58
CA ILE A 40 -11.52 31.37 -21.79
C ILE A 40 -9.99 31.41 -21.73
N SER A 41 -9.33 30.27 -21.94
CA SER A 41 -7.84 30.24 -21.88
C SER A 41 -7.28 30.54 -23.25
N LYS A 42 -5.97 30.71 -23.30
CA LYS A 42 -5.28 31.04 -24.53
C LYS A 42 -5.26 29.85 -25.47
N HIS A 43 -5.76 28.71 -24.99
CA HIS A 43 -5.73 27.51 -25.77
C HIS A 43 -7.06 27.25 -26.44
N ASN A 44 -8.08 28.04 -26.08
CA ASN A 44 -9.43 27.87 -26.56
C ASN A 44 -9.51 28.00 -28.11
N VAL A 45 -10.47 27.31 -28.72
CA VAL A 45 -10.64 27.29 -30.21
C VAL A 45 -12.12 27.28 -30.50
N GLY A 46 -12.87 27.95 -29.63
CA GLY A 46 -14.30 28.11 -29.77
C GLY A 46 -15.10 26.84 -29.53
N GLU A 47 -14.50 25.88 -28.79
CA GLU A 47 -15.15 24.58 -28.55
C GLU A 47 -16.35 24.64 -27.60
N ASP A 48 -17.20 23.60 -27.64
CA ASP A 48 -18.27 23.37 -26.64
C ASP A 48 -17.66 23.43 -25.23
N LEU A 49 -18.38 23.99 -24.26
CA LEU A 49 -17.90 23.89 -22.89
C LEU A 49 -18.46 22.58 -22.32
N VAL A 50 -17.56 21.69 -21.89
CA VAL A 50 -17.90 20.33 -21.48
C VAL A 50 -17.43 20.12 -20.04
N PHE A 51 -18.39 19.93 -19.14
CA PHE A 51 -18.11 19.60 -17.74
C PHE A 51 -18.33 18.12 -17.47
N ASP A 52 -17.49 17.61 -16.60
CA ASP A 52 -17.71 16.33 -16.00
C ASP A 52 -18.81 16.46 -14.99
N GLY A 53 -19.69 15.47 -14.95
CA GLY A 53 -20.68 15.45 -13.87
C GLY A 53 -21.40 14.10 -13.95
N VAL A 54 -21.30 13.29 -12.89
CA VAL A 54 -21.70 11.90 -12.98
C VAL A 54 -22.82 11.68 -11.93
N GLY A 55 -23.98 11.23 -12.38
CA GLY A 55 -25.03 10.89 -11.46
C GLY A 55 -25.75 12.11 -10.86
N LEU A 56 -25.65 13.25 -11.50
CA LEU A 56 -26.19 14.45 -10.87
C LEU A 56 -27.61 14.65 -11.38
N LYS A 57 -28.47 15.14 -10.53
CA LYS A 57 -29.83 15.47 -10.97
C LYS A 57 -29.88 16.98 -11.07
N ILE A 58 -30.03 17.48 -12.29
CA ILE A 58 -30.07 18.92 -12.48
C ILE A 58 -31.43 19.51 -12.12
N ASN A 59 -31.40 20.52 -11.25
CA ASN A 59 -32.54 21.39 -10.98
C ASN A 59 -32.51 22.52 -12.03
N GLU A 60 -31.32 23.12 -12.18
CA GLU A 60 -31.09 24.20 -13.15
C GLU A 60 -29.61 24.50 -13.30
N ILE A 61 -29.26 24.99 -14.51
CA ILE A 61 -27.95 25.54 -14.84
C ILE A 61 -28.15 26.92 -15.53
N SER A 62 -27.13 27.76 -15.39
CA SER A 62 -27.15 29.15 -15.92
C SER A 62 -25.77 29.55 -16.34
N ILE A 63 -25.74 30.47 -17.29
CA ILE A 63 -24.55 31.31 -17.50
C ILE A 63 -24.91 32.79 -17.21
N ASN A 64 -24.12 33.48 -16.37
CA ASN A 64 -24.35 34.89 -16.08
C ASN A 64 -25.76 35.18 -15.58
N ASN A 65 -26.23 34.33 -14.67
CA ASN A 65 -27.55 34.43 -14.08
C ASN A 65 -28.74 34.27 -15.07
N LYS A 66 -28.46 33.75 -16.26
CA LYS A 66 -29.50 33.39 -17.21
C LYS A 66 -29.60 31.86 -17.36
N LYS A 67 -30.77 31.32 -17.02
CA LYS A 67 -31.07 29.88 -17.07
C LYS A 67 -30.88 29.30 -18.47
N LEU A 68 -30.18 28.18 -18.59
CA LEU A 68 -29.96 27.53 -19.90
C LEU A 68 -31.06 26.53 -20.26
N VAL A 69 -31.33 26.34 -21.56
CA VAL A 69 -32.42 25.43 -21.98
C VAL A 69 -31.91 24.10 -22.41
N GLU A 70 -32.38 23.08 -21.69
CA GLU A 70 -32.01 21.71 -21.99
C GLU A 70 -32.43 21.35 -23.42
N GLY A 71 -31.55 20.69 -24.16
CA GLY A 71 -31.84 20.29 -25.51
C GLY A 71 -31.39 21.32 -26.50
N GLU A 72 -31.75 22.57 -26.26
CA GLU A 72 -31.42 23.63 -27.20
C GLU A 72 -30.01 24.22 -26.99
N GLU A 73 -29.68 24.46 -25.73
CA GLU A 73 -28.45 25.13 -25.32
C GLU A 73 -27.47 24.20 -24.61
N TYR A 74 -27.92 22.98 -24.28
CA TYR A 74 -27.07 22.00 -23.56
C TYR A 74 -27.64 20.58 -23.60
N THR A 75 -26.75 19.59 -23.58
CA THR A 75 -27.15 18.22 -23.33
C THR A 75 -26.42 17.67 -22.07
N TYR A 76 -27.08 16.78 -21.35
CA TYR A 76 -26.54 16.05 -20.21
C TYR A 76 -26.96 14.59 -20.30
N ASP A 77 -25.97 13.72 -20.19
CA ASP A 77 -26.13 12.29 -20.38
C ASP A 77 -25.69 11.49 -19.16
N ASN A 78 -25.67 12.15 -18.01
CA ASN A 78 -25.26 11.53 -16.72
C ASN A 78 -23.76 11.30 -16.59
N GLU A 79 -23.00 11.82 -17.55
CA GLU A 79 -21.56 11.72 -17.49
C GLU A 79 -20.88 13.05 -17.84
N PHE A 80 -21.32 13.64 -18.95
CA PHE A 80 -20.79 14.92 -19.44
C PHE A 80 -21.95 15.89 -19.70
N LEU A 81 -21.82 17.13 -19.22
CA LEU A 81 -22.73 18.20 -19.52
C LEU A 81 -22.06 19.02 -20.66
N THR A 82 -22.73 19.14 -21.82
CA THR A 82 -22.18 19.85 -22.96
C THR A 82 -22.97 21.14 -23.18
N ILE A 83 -22.30 22.27 -23.09
CA ILE A 83 -22.91 23.57 -23.41
C ILE A 83 -22.34 24.00 -24.78
N PHE A 84 -23.22 24.00 -25.80
CA PHE A 84 -22.81 24.24 -27.19
C PHE A 84 -22.15 25.58 -27.27
N SER A 85 -21.04 25.71 -27.98
CA SER A 85 -20.26 26.95 -27.88
C SER A 85 -21.00 28.28 -28.19
N LYS A 86 -22.00 28.24 -29.09
CA LYS A 86 -22.74 29.47 -29.42
C LYS A 86 -23.33 30.14 -28.18
N PHE A 87 -23.50 29.41 -27.08
CA PHE A 87 -24.01 29.95 -25.81
C PHE A 87 -22.97 30.20 -24.73
N VAL A 88 -21.70 30.03 -25.08
CA VAL A 88 -20.62 30.16 -24.13
C VAL A 88 -19.96 31.51 -24.33
N PRO A 89 -19.88 32.34 -23.25
CA PRO A 89 -19.25 33.66 -23.40
C PRO A 89 -17.80 33.59 -23.87
N LYS A 90 -17.30 34.70 -24.42
CA LYS A 90 -15.91 34.79 -24.90
C LYS A 90 -14.97 35.57 -23.98
N SER A 91 -15.50 36.05 -22.87
CA SER A 91 -14.67 36.63 -21.81
C SER A 91 -15.10 36.07 -20.44
N LYS A 92 -14.46 36.53 -19.36
CA LYS A 92 -14.84 36.13 -17.99
C LYS A 92 -16.34 36.03 -17.78
N PHE A 93 -16.79 34.91 -17.21
CA PHE A 93 -18.20 34.61 -17.07
C PHE A 93 -18.44 33.68 -15.88
N ALA A 94 -19.68 33.63 -15.40
CA ALA A 94 -20.04 32.78 -14.26
C ALA A 94 -20.93 31.65 -14.72
N PHE A 95 -20.54 30.41 -14.42
CA PHE A 95 -21.40 29.25 -14.63
C PHE A 95 -21.95 28.89 -13.28
N SER A 96 -23.25 28.62 -13.22
CA SER A 96 -23.88 28.23 -11.95
C SER A 96 -24.81 27.05 -12.18
N SER A 97 -24.97 26.23 -11.15
CA SER A 97 -25.87 25.11 -11.26
C SER A 97 -26.37 24.76 -9.88
N GLU A 98 -27.51 24.08 -9.86
CA GLU A 98 -28.01 23.46 -8.65
C GLU A 98 -28.36 22.01 -9.01
N VAL A 99 -27.73 21.05 -8.29
CA VAL A 99 -27.98 19.62 -8.49
C VAL A 99 -28.32 18.97 -7.16
N ILE A 100 -29.02 17.86 -7.27
CA ILE A 100 -29.36 16.99 -6.16
C ILE A 100 -28.51 15.67 -6.27
N ILE A 101 -27.89 15.28 -5.17
CA ILE A 101 -27.20 14.04 -5.00
C ILE A 101 -27.66 13.37 -3.69
N HIS A 102 -27.22 12.12 -3.47
CA HIS A 102 -27.84 11.33 -2.39
C HIS A 102 -26.79 10.58 -1.59
N PRO A 103 -26.05 11.30 -0.72
CA PRO A 103 -24.94 10.59 -0.03
C PRO A 103 -25.42 9.35 0.77
N GLU A 104 -26.67 9.40 1.29
CA GLU A 104 -27.23 8.24 2.02
C GLU A 104 -27.23 6.92 1.26
N THR A 105 -27.35 6.97 -0.06
CA THR A 105 -27.43 5.74 -0.84
C THR A 105 -26.16 5.58 -1.68
N ASN A 106 -25.12 6.35 -1.33
CA ASN A 106 -23.89 6.31 -2.09
C ASN A 106 -22.94 5.27 -1.48
N TYR A 107 -23.11 4.02 -1.88
CA TYR A 107 -22.35 2.93 -1.30
C TYR A 107 -21.04 2.64 -2.03
N ALA A 108 -20.76 3.37 -3.10
CA ALA A 108 -19.49 3.21 -3.81
C ALA A 108 -18.40 3.98 -3.03
N LEU A 109 -18.81 4.88 -2.12
CA LEU A 109 -17.81 5.58 -1.30
C LEU A 109 -16.85 6.50 -2.12
N THR A 110 -17.39 7.07 -3.20
CA THR A 110 -16.66 8.09 -3.94
C THR A 110 -17.63 9.26 -4.18
N GLY A 111 -17.13 10.49 -4.16
CA GLY A 111 -18.06 11.64 -4.21
C GLY A 111 -18.43 11.99 -2.79
N LEU A 112 -19.70 12.37 -2.56
CA LEU A 112 -20.14 12.64 -1.24
C LEU A 112 -20.89 11.45 -0.71
N TYR A 113 -20.58 11.02 0.50
CA TYR A 113 -21.30 9.83 0.94
C TYR A 113 -21.46 9.74 2.41
N LYS A 114 -22.38 8.89 2.86
CA LYS A 114 -22.64 8.77 4.30
C LYS A 114 -21.88 7.53 4.82
N SER A 115 -21.05 7.69 5.86
CA SER A 115 -20.43 6.54 6.54
C SER A 115 -20.93 6.49 7.97
N LYS A 116 -21.86 5.57 8.21
CA LYS A 116 -22.53 5.44 9.51
C LYS A 116 -23.28 6.76 9.71
N ASN A 117 -22.91 7.61 10.68
CA ASN A 117 -23.64 8.86 10.80
C ASN A 117 -22.81 10.09 10.44
N ILE A 118 -21.74 9.89 9.66
CA ILE A 118 -20.91 10.99 9.22
C ILE A 118 -21.07 11.09 7.69
N ILE A 119 -21.22 12.31 7.16
CA ILE A 119 -21.15 12.55 5.73
C ILE A 119 -19.74 13.00 5.39
N VAL A 120 -19.17 12.45 4.34
CA VAL A 120 -17.76 12.73 4.07
C VAL A 120 -17.58 12.64 2.54
N SER A 121 -16.61 13.39 2.02
CA SER A 121 -16.33 13.34 0.59
C SER A 121 -15.04 12.53 0.39
N GLN A 122 -14.91 11.97 -0.81
CA GLN A 122 -13.74 11.33 -1.31
C GLN A 122 -13.66 11.70 -2.77
N CYS A 123 -12.78 12.64 -3.06
CA CYS A 123 -12.67 13.17 -4.41
C CYS A 123 -11.59 12.62 -5.33
N GLU A 124 -10.48 12.16 -4.82
CA GLU A 124 -9.43 11.55 -5.74
C GLU A 124 -9.86 10.16 -6.30
N ALA A 125 -9.69 9.92 -7.59
CA ALA A 125 -9.19 10.88 -8.56
C ALA A 125 -10.30 11.65 -9.25
N THR A 126 -11.42 10.99 -9.48
CA THR A 126 -12.53 11.57 -10.22
C THR A 126 -13.81 11.57 -9.45
N GLY A 127 -13.75 11.78 -8.13
CA GLY A 127 -15.00 11.91 -7.36
C GLY A 127 -15.65 13.29 -7.27
N PHE A 128 -14.89 14.38 -7.55
CA PHE A 128 -15.51 15.73 -7.40
C PHE A 128 -16.69 15.89 -8.42
N ARG A 129 -16.57 15.24 -9.58
CA ARG A 129 -17.64 15.32 -10.61
C ARG A 129 -18.92 14.58 -10.15
N ARG A 130 -18.83 13.80 -9.06
CA ARG A 130 -20.03 13.17 -8.47
C ARG A 130 -20.77 14.10 -7.49
N ILE A 131 -20.13 15.26 -7.22
CA ILE A 131 -20.68 16.23 -6.28
C ILE A 131 -21.32 17.41 -7.02
N THR A 132 -20.61 17.93 -8.01
CA THR A 132 -21.09 19.03 -8.82
C THR A 132 -20.32 19.07 -10.14
N PHE A 133 -20.81 19.88 -11.11
CA PHE A 133 -20.12 20.01 -12.44
C PHE A 133 -18.76 20.61 -12.30
N PHE A 134 -17.81 20.10 -13.07
CA PHE A 134 -16.47 20.69 -13.03
C PHE A 134 -15.63 20.16 -14.21
N ILE A 135 -14.55 20.84 -14.51
CA ILE A 135 -13.57 20.27 -15.43
C ILE A 135 -12.62 19.49 -14.53
N ASP A 136 -12.98 18.23 -14.30
CA ASP A 136 -12.45 17.45 -13.15
C ASP A 136 -11.14 16.82 -13.54
N ARG A 137 -10.09 17.62 -13.53
CA ARG A 137 -8.73 17.17 -13.83
C ARG A 137 -7.73 17.97 -13.01
N PRO A 138 -6.60 17.37 -12.64
CA PRO A 138 -5.77 18.01 -11.58
C PRO A 138 -5.05 19.27 -12.04
N ASP A 139 -5.06 19.58 -13.33
CA ASP A 139 -4.41 20.84 -13.72
C ASP A 139 -5.33 22.08 -13.67
N MET A 140 -6.64 21.87 -13.45
CA MET A 140 -7.60 22.98 -13.24
C MET A 140 -7.51 23.54 -11.79
N MET A 141 -6.67 24.54 -11.56
CA MET A 141 -6.49 25.10 -10.21
C MET A 141 -7.45 26.21 -9.95
N ALA A 142 -8.12 26.20 -8.79
CA ALA A 142 -9.12 27.25 -8.47
C ALA A 142 -9.07 27.61 -6.98
N LYS A 143 -9.67 28.76 -6.61
CA LYS A 143 -9.92 29.14 -5.25
C LYS A 143 -11.30 28.60 -4.84
N TYR A 144 -11.45 28.25 -3.56
CA TYR A 144 -12.67 27.65 -3.07
C TYR A 144 -13.28 28.42 -1.90
N ASP A 145 -14.59 28.59 -1.94
CA ASP A 145 -15.31 29.22 -0.83
C ASP A 145 -16.53 28.36 -0.60
N VAL A 146 -16.60 27.67 0.54
CA VAL A 146 -17.56 26.56 0.65
C VAL A 146 -18.43 26.73 1.86
N THR A 147 -19.75 26.69 1.67
CA THR A 147 -20.65 26.77 2.78
C THR A 147 -21.36 25.41 2.90
N VAL A 148 -21.42 24.88 4.10
CA VAL A 148 -22.15 23.67 4.33
C VAL A 148 -23.26 23.98 5.32
N THR A 149 -24.48 23.47 5.09
CA THR A 149 -25.51 23.53 6.11
C THR A 149 -26.15 22.13 6.32
N ALA A 150 -26.68 21.93 7.53
CA ALA A 150 -27.25 20.65 7.93
C ALA A 150 -28.01 20.76 9.27
N ASP A 151 -28.71 19.68 9.60
CA ASP A 151 -29.35 19.53 10.90
C ASP A 151 -28.29 19.63 11.98
N LYS A 152 -28.42 20.58 12.90
CA LYS A 152 -27.40 20.85 13.94
C LYS A 152 -27.24 19.68 14.90
N GLU A 153 -28.38 19.07 15.29
CA GLU A 153 -28.29 17.94 16.17
C GLU A 153 -27.66 16.70 15.48
N LYS A 154 -27.97 16.41 14.23
CA LYS A 154 -27.25 15.28 13.56
C LYS A 154 -25.79 15.57 13.13
N TYR A 155 -25.55 16.84 12.78
CA TYR A 155 -24.27 17.28 12.19
C TYR A 155 -23.73 18.55 12.82
N PRO A 156 -23.38 18.48 14.12
CA PRO A 156 -22.87 19.65 14.86
C PRO A 156 -21.47 20.11 14.39
N VAL A 157 -20.64 19.17 13.90
CA VAL A 157 -19.30 19.49 13.39
C VAL A 157 -19.28 19.50 11.87
N LEU A 158 -18.96 20.67 11.31
CA LEU A 158 -18.87 20.88 9.87
C LEU A 158 -17.43 21.28 9.59
N LEU A 159 -16.83 20.59 8.61
CA LEU A 159 -15.46 20.88 8.20
C LEU A 159 -15.30 20.91 6.67
N SER A 160 -14.48 21.84 6.20
CA SER A 160 -14.01 21.82 4.83
C SER A 160 -12.63 22.47 4.82
N ASN A 161 -12.03 22.69 3.66
CA ASN A 161 -10.67 23.26 3.59
C ASN A 161 -10.66 24.74 3.96
N GLY A 162 -9.54 25.19 4.50
CA GLY A 162 -9.29 26.62 4.67
C GLY A 162 -9.72 27.07 6.03
N ASP A 163 -9.93 28.36 6.15
CA ASP A 163 -10.41 29.00 7.40
C ASP A 163 -11.91 28.94 7.53
N LYS A 164 -12.40 28.51 8.69
CA LYS A 164 -13.82 28.68 8.95
C LYS A 164 -14.09 30.18 9.19
N VAL A 165 -14.82 30.84 8.30
CA VAL A 165 -14.99 32.30 8.36
C VAL A 165 -16.31 32.75 8.97
N ASN A 166 -17.31 31.87 8.96
CA ASN A 166 -18.64 32.19 9.49
C ASN A 166 -19.35 30.91 9.95
N GLU A 167 -20.20 31.05 10.97
CA GLU A 167 -21.05 30.01 11.52
C GLU A 167 -22.37 30.70 11.81
N PHE A 168 -23.48 30.05 11.53
CA PHE A 168 -24.74 30.74 11.54
C PHE A 168 -25.89 29.77 11.71
N GLU A 169 -26.94 30.23 12.41
CA GLU A 169 -28.10 29.40 12.70
C GLU A 169 -29.05 29.51 11.55
N ILE A 170 -29.81 28.45 11.32
CA ILE A 170 -30.80 28.40 10.26
C ILE A 170 -32.10 27.89 10.88
N PRO A 171 -33.24 28.43 10.42
CA PRO A 171 -34.56 28.01 10.94
C PRO A 171 -34.82 26.55 10.70
N GLY A 172 -35.54 25.91 11.64
CA GLY A 172 -35.90 24.52 11.50
C GLY A 172 -34.79 23.64 12.04
N GLY A 173 -34.01 24.19 12.95
CA GLY A 173 -33.02 23.41 13.71
C GLY A 173 -31.73 23.13 12.93
N ARG A 174 -31.41 23.97 11.95
CA ARG A 174 -30.27 23.75 11.04
C ARG A 174 -29.19 24.74 11.39
N HIS A 175 -27.99 24.53 10.84
CA HIS A 175 -26.91 25.48 10.98
C HIS A 175 -25.99 25.44 9.77
N GLY A 176 -25.07 26.39 9.71
CA GLY A 176 -24.20 26.52 8.56
C GLY A 176 -22.83 26.93 9.02
N ALA A 177 -21.87 26.63 8.16
CA ALA A 177 -20.53 27.18 8.33
C ALA A 177 -19.95 27.43 6.94
N ARG A 178 -19.24 28.54 6.80
CA ARG A 178 -18.54 28.95 5.61
C ARG A 178 -17.03 28.87 5.81
N PHE A 179 -16.37 28.26 4.81
CA PHE A 179 -14.93 28.04 4.88
C PHE A 179 -14.34 28.64 3.62
N ASN A 180 -13.34 29.49 3.77
CA ASN A 180 -12.72 30.06 2.62
C ASN A 180 -11.30 29.65 2.60
N ASP A 181 -10.90 29.18 1.42
CA ASP A 181 -9.57 28.64 1.17
C ASP A 181 -8.92 29.36 -0.01
N PRO A 182 -8.30 30.53 0.24
CA PRO A 182 -7.75 31.28 -0.91
C PRO A 182 -6.66 30.67 -1.78
N PRO A 183 -5.71 29.88 -1.23
CA PRO A 183 -4.69 29.32 -2.15
C PRO A 183 -5.29 28.40 -3.25
N LEU A 184 -4.71 28.46 -4.45
CA LEU A 184 -5.23 27.64 -5.55
C LEU A 184 -5.11 26.16 -5.18
N LYS A 185 -6.08 25.32 -5.57
CA LYS A 185 -5.83 23.87 -5.49
C LYS A 185 -6.59 23.14 -6.56
N PRO A 186 -6.22 21.85 -6.88
CA PRO A 186 -7.07 21.05 -7.77
C PRO A 186 -8.27 20.50 -7.03
N CYS A 187 -9.32 20.15 -7.77
CA CYS A 187 -10.57 19.79 -7.13
C CYS A 187 -10.47 18.46 -6.39
N TYR A 188 -9.46 17.60 -6.71
CA TYR A 188 -9.42 16.33 -6.01
C TYR A 188 -9.02 16.50 -4.56
N LEU A 189 -8.55 17.69 -4.21
CA LEU A 189 -8.16 18.04 -2.82
C LEU A 189 -9.23 18.77 -2.01
N PHE A 190 -10.40 19.02 -2.60
CA PHE A 190 -11.51 19.56 -1.86
C PHE A 190 -12.01 18.41 -0.96
N ALA A 191 -12.44 18.78 0.25
CA ALA A 191 -13.08 17.80 1.13
C ALA A 191 -14.16 18.50 1.97
N VAL A 192 -15.14 17.76 2.45
CA VAL A 192 -16.13 18.26 3.38
C VAL A 192 -16.45 17.10 4.28
N VAL A 193 -16.71 17.40 5.57
CA VAL A 193 -17.06 16.42 6.56
C VAL A 193 -18.15 17.06 7.44
N ALA A 194 -19.22 16.32 7.72
CA ALA A 194 -20.30 16.79 8.63
C ALA A 194 -20.62 15.59 9.53
N GLY A 195 -20.68 15.80 10.85
CA GLY A 195 -20.96 14.70 11.74
C GLY A 195 -20.98 15.10 13.19
N ASP A 196 -21.41 14.18 14.05
CA ASP A 196 -21.33 14.36 15.51
C ASP A 196 -19.98 13.86 15.97
N LEU A 197 -18.94 14.63 15.67
CA LEU A 197 -17.55 14.18 15.83
C LEU A 197 -17.01 14.65 17.14
N LYS A 198 -16.22 13.81 17.83
CA LYS A 198 -15.48 14.20 19.03
C LYS A 198 -14.02 14.24 18.73
N HIS A 199 -13.23 14.94 19.53
CA HIS A 199 -11.81 15.13 19.12
C HIS A 199 -10.85 15.17 20.27
N LEU A 200 -9.58 15.01 19.92
CA LEU A 200 -8.43 15.39 20.72
C LEU A 200 -7.70 16.47 19.94
N SER A 201 -6.93 17.33 20.62
CA SER A 201 -6.17 18.35 19.91
C SER A 201 -4.89 18.63 20.68
N ALA A 202 -3.98 19.33 20.01
CA ALA A 202 -2.71 19.74 20.58
C ALA A 202 -2.24 20.90 19.71
N THR A 203 -1.30 21.68 20.21
CA THR A 203 -0.69 22.74 19.42
C THR A 203 0.72 22.30 19.11
N TYR A 204 1.14 22.52 17.88
CA TYR A 204 2.50 22.22 17.48
C TYR A 204 3.17 23.55 17.10
N ILE A 205 4.41 23.76 17.56
CA ILE A 205 5.08 24.99 17.18
C ILE A 205 6.19 24.66 16.20
N THR A 206 6.17 25.26 15.01
CA THR A 206 7.11 24.83 13.94
C THR A 206 8.53 25.27 14.27
N LYS A 207 9.49 24.58 13.68
CA LYS A 207 10.90 24.62 14.05
C LYS A 207 11.55 25.94 13.73
N TYR A 208 11.31 26.46 12.52
CA TYR A 208 11.94 27.69 12.07
C TYR A 208 11.13 28.99 12.28
N THR A 209 9.88 29.06 11.82
CA THR A 209 9.16 30.30 11.87
C THR A 209 8.40 30.40 13.17
N LYS A 210 8.38 29.32 13.97
CA LYS A 210 7.76 29.35 15.30
C LYS A 210 6.25 29.53 15.26
N LYS A 211 5.64 29.18 14.12
CA LYS A 211 4.17 29.27 13.97
C LYS A 211 3.40 28.22 14.78
N LYS A 212 2.33 28.64 15.48
CA LYS A 212 1.47 27.67 16.18
C LYS A 212 0.55 27.02 15.14
N VAL A 213 0.52 25.68 15.16
CA VAL A 213 -0.39 24.92 14.29
C VAL A 213 -1.35 24.17 15.20
N GLU A 214 -2.66 24.27 14.96
CA GLU A 214 -3.59 23.53 15.77
C GLU A 214 -3.81 22.15 15.11
N LEU A 215 -3.65 21.06 15.86
CA LEU A 215 -3.92 19.70 15.32
C LEU A 215 -5.14 19.14 15.99
N TYR A 216 -6.12 18.75 15.17
CA TYR A 216 -7.32 18.10 15.61
C TYR A 216 -7.38 16.70 15.01
N VAL A 217 -7.73 15.71 15.82
CA VAL A 217 -8.01 14.36 15.34
C VAL A 217 -9.42 14.04 15.76
N PHE A 218 -10.26 13.58 14.82
CA PHE A 218 -11.72 13.41 15.04
C PHE A 218 -12.18 11.98 14.83
N SER A 219 -13.15 11.56 15.63
CA SER A 219 -13.87 10.32 15.32
C SER A 219 -15.27 10.42 15.91
N GLU A 220 -16.11 9.47 15.58
CA GLU A 220 -17.37 9.28 16.33
C GLU A 220 -17.12 9.12 17.82
N GLU A 221 -18.17 9.38 18.59
CA GLU A 221 -17.97 9.53 20.02
C GLU A 221 -17.47 8.24 20.71
N LYS A 222 -18.03 7.12 20.28
CA LYS A 222 -17.68 5.79 20.81
C LYS A 222 -16.19 5.55 20.82
N TYR A 223 -15.49 5.99 19.78
CA TYR A 223 -14.07 5.63 19.64
C TYR A 223 -13.06 6.76 19.91
N VAL A 224 -13.52 7.90 20.47
CA VAL A 224 -12.60 9.04 20.65
C VAL A 224 -11.34 8.73 21.51
N SER A 225 -11.45 7.78 22.43
CA SER A 225 -10.29 7.37 23.20
C SER A 225 -9.27 6.55 22.42
N LYS A 226 -9.52 6.32 21.13
CA LYS A 226 -8.54 5.59 20.30
C LYS A 226 -7.80 6.55 19.40
N LEU A 227 -7.91 7.85 19.65
CA LEU A 227 -7.29 8.86 18.77
C LEU A 227 -5.88 9.24 19.24
N GLN A 228 -5.45 8.84 20.43
CA GLN A 228 -4.19 9.48 20.92
C GLN A 228 -2.95 9.15 20.11
N TRP A 229 -2.81 7.88 19.69
CA TRP A 229 -1.60 7.50 18.97
C TRP A 229 -1.52 8.25 17.66
N ALA A 230 -2.63 8.39 16.94
CA ALA A 230 -2.65 9.17 15.67
C ALA A 230 -2.13 10.59 15.91
N LEU A 231 -2.51 11.22 17.05
CA LEU A 231 -2.07 12.60 17.32
C LEU A 231 -0.60 12.59 17.50
N GLU A 232 -0.10 11.64 18.30
CA GLU A 232 1.36 11.48 18.41
C GLU A 232 2.07 11.28 17.09
N CYS A 233 1.54 10.37 16.26
CA CYS A 233 2.11 10.17 14.90
C CYS A 233 2.15 11.47 14.08
N LEU A 234 1.12 12.29 14.20
CA LEU A 234 1.10 13.51 13.44
C LEU A 234 2.26 14.40 13.88
N LYS A 235 2.44 14.54 15.21
CA LYS A 235 3.58 15.34 15.72
C LYS A 235 4.92 14.84 15.19
N LYS A 236 5.10 13.52 15.26
CA LYS A 236 6.30 12.88 14.73
C LYS A 236 6.50 13.21 13.26
N SER A 237 5.43 13.12 12.45
CA SER A 237 5.54 13.40 11.03
C SER A 237 5.98 14.81 10.76
N MET A 238 5.41 15.77 11.53
CA MET A 238 5.77 17.17 11.32
C MET A 238 7.23 17.39 11.65
N ALA A 239 7.68 16.80 12.76
CA ALA A 239 9.09 16.95 13.18
C ALA A 239 10.05 16.30 12.22
N PHE A 240 9.66 15.17 11.66
CA PHE A 240 10.53 14.49 10.71
C PHE A 240 10.73 15.34 9.45
N ASP A 241 9.64 15.84 8.89
CA ASP A 241 9.74 16.67 7.69
C ASP A 241 10.59 17.92 7.96
N GLU A 242 10.50 18.45 9.17
CA GLU A 242 11.32 19.57 9.54
C GLU A 242 12.79 19.14 9.61
N ASP A 243 13.03 18.01 10.27
CA ASP A 243 14.37 17.57 10.58
C ASP A 243 15.13 17.05 9.39
N TYR A 244 14.48 16.23 8.56
CA TYR A 244 15.15 15.61 7.42
C TYR A 244 15.15 16.53 6.21
N PHE A 245 13.99 17.12 5.93
CA PHE A 245 13.82 17.90 4.74
C PHE A 245 13.82 19.43 4.91
N GLY A 246 13.77 19.88 6.16
CA GLY A 246 13.65 21.32 6.50
C GLY A 246 12.32 21.96 6.11
N LEU A 247 11.26 21.15 6.07
CA LEU A 247 10.00 21.59 5.58
C LEU A 247 9.01 21.76 6.72
N GLU A 248 8.30 22.88 6.78
CA GLU A 248 7.43 23.21 7.93
C GLU A 248 6.03 23.25 7.39
N TYR A 249 5.04 22.92 8.22
CA TYR A 249 3.63 23.01 7.76
C TYR A 249 3.26 24.46 7.52
N ASP A 250 2.52 24.71 6.43
CA ASP A 250 2.27 26.09 5.99
C ASP A 250 0.97 26.70 6.55
N LEU A 251 0.09 25.86 7.09
CA LEU A 251 -1.28 26.34 7.47
C LEU A 251 -1.45 26.41 8.99
N SER A 252 -2.55 26.98 9.48
CA SER A 252 -2.63 27.21 10.91
C SER A 252 -3.33 26.05 11.64
N ARG A 253 -3.91 25.12 10.87
CA ARG A 253 -4.57 23.97 11.46
C ARG A 253 -4.48 22.77 10.53
N LEU A 254 -4.45 21.56 11.13
CA LEU A 254 -4.55 20.31 10.35
C LEU A 254 -5.55 19.39 11.06
N ASN A 255 -6.59 18.98 10.34
CA ASN A 255 -7.59 18.05 10.83
C ASN A 255 -7.37 16.64 10.26
N LEU A 256 -7.49 15.63 11.12
CA LEU A 256 -7.56 14.22 10.72
C LEU A 256 -8.87 13.70 11.14
N VAL A 257 -9.58 13.01 10.24
CA VAL A 257 -10.90 12.51 10.61
C VAL A 257 -11.00 11.02 10.28
N ALA A 258 -11.45 10.23 11.24
CA ALA A 258 -11.67 8.77 10.99
C ALA A 258 -13.12 8.48 10.54
N VAL A 259 -13.28 7.69 9.48
CA VAL A 259 -14.64 7.19 9.10
C VAL A 259 -14.57 5.66 8.95
N SER A 260 -15.71 5.02 9.17
CA SER A 260 -15.77 3.57 9.22
C SER A 260 -15.82 2.95 7.82
N ASP A 261 -16.31 3.67 6.82
CA ASP A 261 -16.46 3.07 5.49
C ASP A 261 -15.53 3.85 4.55
N PHE A 262 -14.47 3.21 4.06
CA PHE A 262 -13.50 3.94 3.18
C PHE A 262 -12.83 2.94 2.21
N ASN A 263 -12.54 3.30 0.95
CA ASN A 263 -12.07 2.31 -0.03
C ASN A 263 -10.60 1.93 0.17
N VAL A 264 -9.79 2.86 0.67
CA VAL A 264 -8.36 2.53 0.86
C VAL A 264 -7.96 2.95 2.27
N GLY A 265 -6.70 3.30 2.49
CA GLY A 265 -6.21 3.68 3.82
C GLY A 265 -6.62 5.11 4.22
N ALA A 266 -6.39 6.10 3.36
CA ALA A 266 -6.70 7.50 3.73
C ALA A 266 -6.54 8.36 2.52
N MET A 267 -6.66 9.67 2.71
CA MET A 267 -6.69 10.65 1.60
C MET A 267 -6.20 11.94 2.13
N GLU A 268 -5.29 12.54 1.39
CA GLU A 268 -4.80 13.86 1.67
C GLU A 268 -5.81 14.77 0.96
N ASN A 269 -6.30 15.74 1.69
CA ASN A 269 -7.15 16.84 1.18
C ASN A 269 -6.55 17.87 2.03
N LYS A 270 -6.26 19.01 1.44
CA LYS A 270 -5.49 20.05 2.05
C LYS A 270 -6.04 20.51 3.42
N GLY A 271 -5.23 20.28 4.46
CA GLY A 271 -5.58 20.59 5.84
C GLY A 271 -6.70 19.78 6.45
N LEU A 272 -7.26 18.82 5.69
CA LEU A 272 -8.42 18.03 6.13
C LEU A 272 -8.21 16.54 5.68
N ASN A 273 -7.37 15.77 6.37
CA ASN A 273 -7.00 14.42 5.92
C ASN A 273 -8.06 13.47 6.44
N ILE A 274 -8.61 12.61 5.57
CA ILE A 274 -9.68 11.69 6.00
C ILE A 274 -9.16 10.26 5.91
N PHE A 275 -9.44 9.44 6.92
CA PHE A 275 -8.82 8.13 7.06
C PHE A 275 -9.85 7.04 7.20
N ASN A 276 -9.52 5.87 6.64
CA ASN A 276 -10.17 4.65 7.06
C ASN A 276 -9.92 4.53 8.59
N ALA A 277 -10.98 4.28 9.37
CA ALA A 277 -10.83 4.16 10.83
C ALA A 277 -9.70 3.15 11.17
N ASN A 278 -9.58 2.08 10.40
CA ASN A 278 -8.52 1.09 10.75
C ASN A 278 -7.11 1.62 10.57
N SER A 279 -6.96 2.82 9.97
CA SER A 279 -5.60 3.41 9.85
C SER A 279 -5.47 4.70 10.62
N LEU A 280 -6.41 4.94 11.53
CA LEU A 280 -6.29 6.13 12.44
C LEU A 280 -6.46 5.75 13.92
N LEU A 281 -7.34 4.78 14.22
CA LEU A 281 -7.71 4.46 15.60
C LEU A 281 -7.02 3.21 16.14
N ALA A 282 -6.48 3.34 17.32
CA ALA A 282 -5.99 2.21 18.07
C ALA A 282 -6.04 2.45 19.58
N SER A 283 -6.17 1.38 20.34
CA SER A 283 -5.85 1.35 21.75
C SER A 283 -5.11 0.01 22.06
N LYS A 284 -4.40 -0.03 23.16
CA LYS A 284 -3.66 -1.19 23.57
C LYS A 284 -4.63 -2.34 23.85
N LYS A 285 -5.84 -2.03 24.34
CA LYS A 285 -6.83 -3.01 24.68
C LYS A 285 -7.57 -3.58 23.51
N ASN A 286 -7.81 -2.74 22.51
CA ASN A 286 -8.71 -3.09 21.42
C ASN A 286 -8.08 -3.12 20.03
N SER A 287 -6.74 -3.14 19.99
CA SER A 287 -6.02 -3.22 18.68
C SER A 287 -4.90 -4.24 18.71
N ILE A 288 -4.68 -4.91 17.59
CA ILE A 288 -3.51 -5.74 17.44
C ILE A 288 -2.31 -4.84 17.23
N ASP A 289 -1.12 -5.37 17.52
CA ASP A 289 0.07 -4.61 17.38
C ASP A 289 0.23 -3.91 16.02
N PHE A 290 -0.10 -4.60 14.95
CA PHE A 290 0.16 -4.10 13.59
C PHE A 290 -0.50 -2.74 13.39
N SER A 291 -1.62 -2.47 14.06
CA SER A 291 -2.28 -1.15 14.00
C SER A 291 -1.38 0.05 14.30
N TYR A 292 -0.39 -0.14 15.17
CA TYR A 292 0.45 0.94 15.62
C TYR A 292 1.36 1.40 14.48
N ALA A 293 2.04 0.47 13.83
CA ALA A 293 2.87 0.84 12.65
C ALA A 293 2.01 1.31 11.51
N ARG A 294 0.86 0.67 11.32
CA ARG A 294 -0.03 1.09 10.23
C ARG A 294 -0.47 2.58 10.37
N ILE A 295 -0.84 2.99 11.58
CA ILE A 295 -1.32 4.37 11.80
C ILE A 295 -0.13 5.31 11.60
N LEU A 296 1.04 4.95 12.10
CA LEU A 296 2.23 5.82 11.96
C LEU A 296 2.51 6.02 10.46
N THR A 297 2.42 4.93 9.68
CA THR A 297 2.78 5.07 8.27
C THR A 297 1.71 5.84 7.46
N VAL A 298 0.44 5.58 7.75
CA VAL A 298 -0.61 6.29 6.99
C VAL A 298 -0.76 7.75 7.40
N VAL A 299 -0.73 8.04 8.72
CA VAL A 299 -0.60 9.44 9.14
C VAL A 299 0.63 10.15 8.56
N GLY A 300 1.80 9.51 8.62
CA GLY A 300 2.97 10.09 7.98
C GLY A 300 2.76 10.32 6.48
N HIS A 301 2.30 9.29 5.79
CA HIS A 301 2.09 9.39 4.36
C HIS A 301 1.20 10.63 4.03
N GLU A 302 -0.01 10.69 4.59
CA GLU A 302 -0.90 11.84 4.30
C GLU A 302 -0.31 13.19 4.70
N TYR A 303 0.49 13.23 5.75
CA TYR A 303 1.20 14.48 6.14
C TYR A 303 2.25 14.89 5.07
N PHE A 304 3.07 13.93 4.65
CA PHE A 304 4.08 14.22 3.67
C PHE A 304 3.54 14.67 2.32
N HIS A 305 2.30 14.28 2.01
CA HIS A 305 1.67 14.72 0.78
C HIS A 305 1.51 16.23 0.86
N GLN A 306 1.51 16.83 2.05
CA GLN A 306 1.20 18.28 2.06
C GLN A 306 2.20 19.09 1.12
N TYR A 307 3.47 18.61 0.99
CA TYR A 307 4.43 19.09 -0.06
C TYR A 307 4.38 18.32 -1.39
N THR A 308 4.52 17.00 -1.29
CA THR A 308 4.55 16.04 -2.41
C THR A 308 3.16 15.49 -2.81
N GLY A 309 2.37 16.42 -3.28
CA GLY A 309 1.09 16.14 -3.91
C GLY A 309 0.31 17.45 -3.88
N ASN A 310 0.46 18.19 -2.76
CA ASN A 310 -0.45 19.31 -2.45
C ASN A 310 0.15 20.69 -2.83
N ARG A 311 1.39 20.95 -2.46
CA ARG A 311 2.09 22.18 -2.84
C ARG A 311 2.84 22.09 -4.17
N VAL A 312 3.38 20.90 -4.49
CA VAL A 312 3.84 20.70 -5.91
C VAL A 312 2.82 19.75 -6.49
N THR A 313 2.07 20.20 -7.49
CA THR A 313 0.89 19.49 -8.00
C THR A 313 1.22 18.61 -9.22
N LEU A 314 0.34 17.66 -9.50
CA LEU A 314 0.42 16.84 -10.72
C LEU A 314 -0.26 17.52 -11.85
N ARG A 315 0.40 17.51 -13.00
CA ARG A 315 -0.21 18.06 -14.20
C ARG A 315 -1.34 17.20 -14.72
N ASP A 316 -1.18 15.89 -14.68
CA ASP A 316 -2.19 14.96 -15.21
C ASP A 316 -1.95 13.63 -14.45
N TRP A 317 -2.87 12.68 -14.57
CA TRP A 317 -2.84 11.52 -13.68
C TRP A 317 -1.78 10.54 -14.10
N PHE A 318 -1.25 10.68 -15.30
CA PHE A 318 -0.07 9.81 -15.69
C PHE A 318 1.12 10.06 -14.84
N GLN A 319 1.18 11.23 -14.20
CA GLN A 319 2.31 11.52 -13.30
C GLN A 319 2.02 11.02 -11.87
N LEU A 320 1.02 10.18 -11.66
CA LEU A 320 0.64 9.77 -10.28
C LEU A 320 1.82 9.31 -9.43
N THR A 321 2.74 8.52 -10.04
CA THR A 321 3.87 8.00 -9.25
C THR A 321 4.77 9.10 -8.70
N LEU A 322 4.80 10.26 -9.38
CA LEU A 322 5.58 11.36 -8.85
C LEU A 322 5.03 11.86 -7.49
N LYS A 323 3.72 11.84 -7.31
CA LYS A 323 3.22 12.17 -5.95
C LYS A 323 3.15 10.96 -5.06
N GLU A 324 2.79 9.80 -5.61
CA GLU A 324 2.57 8.65 -4.73
C GLU A 324 3.89 7.95 -4.46
N GLY A 325 4.65 7.67 -5.49
CA GLY A 325 5.95 6.94 -5.20
C GLY A 325 6.91 7.81 -4.37
N LEU A 326 6.89 9.11 -4.58
CA LEU A 326 7.73 9.99 -3.76
C LEU A 326 7.29 10.09 -2.25
N THR A 327 5.97 10.09 -2.03
CA THR A 327 5.38 10.15 -0.71
C THR A 327 5.53 8.80 0.00
N VAL A 328 5.43 7.69 -0.73
CA VAL A 328 5.66 6.39 -0.09
C VAL A 328 7.15 6.32 0.34
N HIS A 329 8.07 6.81 -0.47
CA HIS A 329 9.49 6.89 -0.14
C HIS A 329 9.69 7.71 1.15
N ARG A 330 9.09 8.92 1.22
CA ARG A 330 9.18 9.76 2.42
C ARG A 330 8.57 9.09 3.64
N GLU A 331 7.44 8.42 3.44
CA GLU A 331 6.74 7.64 4.48
C GLU A 331 7.62 6.50 4.96
N ASN A 332 8.33 5.81 4.03
CA ASN A 332 9.21 4.70 4.43
C ASN A 332 10.43 5.23 5.15
N LEU A 333 11.03 6.36 4.72
CA LEU A 333 12.15 6.90 5.50
C LEU A 333 11.74 7.25 6.94
N PHE A 334 10.56 7.84 7.06
CA PHE A 334 10.03 8.26 8.36
C PHE A 334 9.79 7.04 9.27
N SER A 335 9.11 6.03 8.75
CA SER A 335 8.87 4.83 9.52
C SER A 335 10.17 4.17 9.96
N GLU A 336 11.14 4.06 9.05
CA GLU A 336 12.40 3.41 9.41
C GLU A 336 13.01 4.18 10.58
N GLU A 337 12.94 5.52 10.51
CA GLU A 337 13.54 6.35 11.54
C GLU A 337 12.75 6.34 12.87
N MET A 338 11.42 6.18 12.80
CA MET A 338 10.61 6.18 14.01
C MET A 338 10.65 4.85 14.70
N THR A 339 10.70 3.76 13.93
CA THR A 339 10.62 2.42 14.58
C THR A 339 11.99 1.96 15.04
N LYS A 340 13.04 2.41 14.33
CA LYS A 340 14.41 1.98 14.55
C LYS A 340 14.58 0.47 14.55
N THR A 341 13.78 -0.26 13.83
CA THR A 341 13.91 -1.73 13.80
C THR A 341 14.33 -2.12 12.38
N VAL A 342 15.24 -3.09 12.18
CA VAL A 342 15.61 -3.42 10.77
C VAL A 342 14.42 -4.05 10.06
N THR A 343 13.48 -4.68 10.80
CA THR A 343 12.33 -5.33 10.11
C THR A 343 11.42 -4.32 9.37
N THR A 344 11.55 -3.03 9.63
CA THR A 344 10.69 -2.09 8.91
C THR A 344 11.03 -2.09 7.39
N ARG A 345 12.27 -1.86 7.10
CA ARG A 345 12.74 -1.99 5.67
C ARG A 345 12.50 -3.39 5.13
N LEU A 346 12.79 -4.42 5.93
CA LEU A 346 12.56 -5.78 5.40
C LEU A 346 11.11 -5.96 5.04
N SER A 347 10.19 -5.42 5.85
CA SER A 347 8.77 -5.64 5.54
C SER A 347 8.38 -4.97 4.20
N HIS A 348 9.00 -3.81 3.87
CA HIS A 348 8.76 -3.11 2.60
C HIS A 348 9.26 -3.92 1.42
N VAL A 349 10.44 -4.52 1.57
CA VAL A 349 10.99 -5.36 0.57
C VAL A 349 10.09 -6.61 0.36
N ASP A 350 9.69 -7.23 1.47
CA ASP A 350 8.83 -8.42 1.43
C ASP A 350 7.58 -8.14 0.64
N LEU A 351 6.96 -6.97 0.88
CA LEU A 351 5.78 -6.58 0.10
C LEU A 351 6.09 -6.38 -1.42
N LEU A 352 7.16 -5.69 -1.74
CA LEU A 352 7.48 -5.48 -3.15
C LEU A 352 7.70 -6.81 -3.84
N ARG A 353 8.52 -7.65 -3.22
CA ARG A 353 8.92 -8.92 -3.92
C ARG A 353 7.79 -9.97 -3.97
N SER A 354 6.78 -9.86 -3.13
CA SER A 354 5.64 -10.78 -3.24
C SER A 354 4.56 -10.23 -4.16
N VAL A 355 3.99 -9.10 -3.76
CA VAL A 355 2.80 -8.57 -4.41
C VAL A 355 3.16 -7.80 -5.68
N GLN A 356 4.16 -6.93 -5.62
CA GLN A 356 4.47 -6.08 -6.83
C GLN A 356 5.16 -6.88 -7.88
N PHE A 357 6.09 -7.75 -7.52
CA PHE A 357 6.72 -8.60 -8.57
C PHE A 357 5.69 -9.46 -9.25
N LEU A 358 4.75 -10.00 -8.49
CA LEU A 358 3.68 -10.85 -9.04
C LEU A 358 2.93 -9.92 -10.06
N GLU A 359 2.59 -8.69 -9.68
CA GLU A 359 1.91 -7.81 -10.61
C GLU A 359 2.74 -7.54 -11.88
N ASP A 360 4.04 -7.30 -11.70
CA ASP A 360 4.86 -6.92 -12.83
C ASP A 360 5.17 -8.10 -13.83
N SER A 361 4.91 -9.34 -13.44
CA SER A 361 5.05 -10.49 -14.39
C SER A 361 3.65 -11.01 -14.81
N SER A 362 2.59 -10.32 -14.35
CA SER A 362 1.23 -10.65 -14.75
C SER A 362 0.79 -9.90 -16.05
N PRO A 363 -0.34 -10.33 -16.66
CA PRO A 363 -0.93 -9.61 -17.81
C PRO A 363 -1.26 -8.13 -17.44
N LEU A 364 -1.27 -7.79 -16.16
CA LEU A 364 -1.55 -6.36 -15.76
C LEU A 364 -0.29 -5.50 -15.67
N SER A 365 0.88 -6.08 -15.99
CA SER A 365 2.18 -5.36 -15.83
C SER A 365 2.14 -3.98 -16.54
N HIS A 366 2.68 -2.97 -15.87
CA HIS A 366 2.70 -1.60 -16.42
C HIS A 366 3.90 -0.88 -15.85
N PRO A 367 4.42 0.11 -16.54
CA PRO A 367 5.54 0.82 -15.88
C PRO A 367 4.95 1.76 -14.78
N ILE A 368 5.80 2.39 -13.98
CA ILE A 368 5.30 3.24 -12.86
C ILE A 368 4.67 4.52 -13.48
N ARG A 369 5.03 4.85 -14.72
CA ARG A 369 4.26 5.86 -15.45
C ARG A 369 3.66 5.25 -16.73
N PRO A 370 2.42 4.78 -16.66
CA PRO A 370 1.79 4.13 -17.81
C PRO A 370 1.54 5.05 -18.99
N GLU A 371 1.29 4.43 -20.15
CA GLU A 371 1.06 5.21 -21.33
C GLU A 371 -0.43 5.50 -21.57
N SER A 372 -1.31 4.78 -20.89
CA SER A 372 -2.73 4.86 -21.14
C SER A 372 -3.47 4.31 -19.96
N TYR A 373 -4.72 4.71 -19.84
CA TYR A 373 -5.65 4.10 -18.90
C TYR A 373 -7.06 4.21 -19.42
N VAL A 374 -7.96 3.40 -18.89
CA VAL A 374 -9.38 3.53 -19.14
C VAL A 374 -10.05 3.97 -17.84
N SER A 375 -9.66 3.31 -16.74
CA SER A 375 -10.22 3.57 -15.41
C SER A 375 -9.13 4.13 -14.44
N MET A 376 -9.27 5.40 -14.05
CA MET A 376 -8.40 5.99 -13.00
C MET A 376 -8.56 5.27 -11.67
N GLU A 377 -9.71 4.64 -11.45
CA GLU A 377 -9.89 3.94 -10.18
C GLU A 377 -9.07 2.65 -10.11
N ASN A 378 -8.51 2.18 -11.24
CA ASN A 378 -7.66 1.00 -11.21
C ASN A 378 -6.16 1.34 -11.39
N PHE A 379 -5.83 2.62 -11.47
CA PHE A 379 -4.45 3.10 -11.67
C PHE A 379 -3.65 3.20 -10.36
N TYR A 380 -4.32 3.03 -9.23
CA TYR A 380 -3.63 3.16 -7.97
C TYR A 380 -3.11 1.78 -7.53
N THR A 381 -1.87 1.44 -7.91
CA THR A 381 -1.40 0.07 -7.87
C THR A 381 -0.12 -0.03 -7.06
N THR A 382 0.20 -1.26 -6.59
CA THR A 382 1.50 -1.51 -5.97
C THR A 382 2.69 -1.11 -6.90
N THR A 383 2.55 -1.30 -8.21
CA THR A 383 3.59 -0.82 -9.13
C THR A 383 3.78 0.72 -8.97
N VAL A 384 2.69 1.46 -9.11
CA VAL A 384 2.78 2.95 -9.11
C VAL A 384 3.30 3.40 -7.72
N TYR A 385 2.76 2.76 -6.66
CA TYR A 385 3.18 3.15 -5.33
C TYR A 385 4.51 2.59 -4.87
N ASP A 386 4.61 1.25 -4.87
CA ASP A 386 5.75 0.63 -4.15
C ASP A 386 7.00 0.48 -5.05
N LYS A 387 6.82 0.10 -6.31
CA LYS A 387 7.98 0.19 -7.19
C LYS A 387 8.28 1.69 -7.43
N GLY A 388 7.27 2.57 -7.49
CA GLY A 388 7.62 4.03 -7.60
C GLY A 388 8.46 4.44 -6.41
N SER A 389 8.14 3.97 -5.19
CA SER A 389 8.91 4.31 -3.99
C SER A 389 10.33 3.80 -4.11
N GLU A 390 10.56 2.55 -4.58
CA GLU A 390 11.94 2.10 -4.84
C GLU A 390 12.69 2.92 -5.87
N VAL A 391 12.01 3.34 -6.93
CA VAL A 391 12.62 4.26 -7.89
C VAL A 391 13.02 5.62 -7.24
N MET A 392 12.13 6.12 -6.37
CA MET A 392 12.45 7.38 -5.73
C MET A 392 13.56 7.16 -4.68
N ARG A 393 13.54 6.03 -4.01
CA ARG A 393 14.63 5.70 -3.06
C ARG A 393 16.00 5.48 -3.77
N MET A 394 16.01 4.92 -4.98
CA MET A 394 17.29 4.79 -5.68
C MET A 394 17.98 6.14 -5.87
N TYR A 395 17.25 7.25 -6.06
CA TYR A 395 17.93 8.54 -6.14
C TYR A 395 18.77 8.79 -4.88
N LEU A 396 18.21 8.46 -3.73
CA LEU A 396 18.94 8.66 -2.46
C LEU A 396 20.15 7.74 -2.34
N THR A 397 19.97 6.48 -2.69
CA THR A 397 21.15 5.57 -2.78
C THR A 397 22.30 6.09 -3.69
N ILE A 398 21.97 6.61 -4.85
CA ILE A 398 22.93 7.09 -5.81
C ILE A 398 23.60 8.33 -5.31
N LEU A 399 22.81 9.27 -4.80
CA LEU A 399 23.34 10.56 -4.41
C LEU A 399 23.97 10.64 -3.04
N GLY A 400 23.48 9.82 -2.11
CA GLY A 400 23.77 10.00 -0.71
C GLY A 400 22.92 11.13 -0.12
N GLU A 401 22.91 11.19 1.20
CA GLU A 401 21.97 11.97 1.95
C GLU A 401 22.13 13.46 1.68
N GLU A 402 23.36 13.98 1.72
CA GLU A 402 23.60 15.41 1.44
C GLU A 402 23.14 15.85 0.06
N TYR A 403 23.58 15.17 -1.02
CA TYR A 403 23.17 15.55 -2.34
C TYR A 403 21.72 15.20 -2.64
N TYR A 404 21.20 14.14 -2.02
CA TYR A 404 19.78 13.81 -2.30
C TYR A 404 18.96 15.00 -1.75
N LYS A 405 19.25 15.37 -0.50
CA LYS A 405 18.59 16.49 0.20
C LYS A 405 18.72 17.73 -0.65
N LYS A 406 19.90 17.98 -1.22
CA LYS A 406 20.09 19.13 -2.13
C LYS A 406 19.19 19.09 -3.34
N GLY A 407 19.15 17.93 -4.02
CA GLY A 407 18.29 17.78 -5.17
C GLY A 407 16.81 17.84 -4.86
N PHE A 408 16.41 17.36 -3.68
CA PHE A 408 15.00 17.38 -3.32
C PHE A 408 14.61 18.86 -3.15
N ASP A 409 15.46 19.61 -2.43
CA ASP A 409 15.26 21.05 -2.23
C ASP A 409 15.19 21.81 -3.54
N ILE A 410 16.10 21.51 -4.46
CA ILE A 410 15.98 22.02 -5.86
C ILE A 410 14.62 21.76 -6.47
N TYR A 411 14.11 20.52 -6.37
CA TYR A 411 12.79 20.23 -6.94
C TYR A 411 11.69 21.02 -6.22
N ILE A 412 11.74 21.07 -4.88
CA ILE A 412 10.67 21.74 -4.08
C ILE A 412 10.69 23.22 -4.30
N LYS A 413 11.91 23.76 -4.32
CA LYS A 413 12.17 25.20 -4.42
C LYS A 413 11.73 25.70 -5.80
N LYS A 414 11.99 24.92 -6.84
CA LYS A 414 11.64 25.29 -8.21
C LYS A 414 10.19 25.05 -8.60
N ASN A 415 9.54 24.04 -8.02
CA ASN A 415 8.18 23.67 -8.47
C ASN A 415 7.12 23.92 -7.36
N ASP A 416 7.51 24.56 -6.25
CA ASP A 416 6.50 24.89 -5.23
C ASP A 416 5.51 25.90 -5.81
N GLY A 417 4.25 25.46 -5.93
CA GLY A 417 3.17 26.32 -6.42
C GLY A 417 2.82 26.17 -7.89
N ASN A 418 3.32 25.10 -8.50
CA ASN A 418 3.07 24.78 -9.93
C ASN A 418 2.87 23.26 -10.09
N THR A 419 2.44 22.85 -11.28
CA THR A 419 2.33 21.41 -11.60
C THR A 419 3.71 20.93 -12.02
N ALA A 420 3.87 19.62 -12.11
CA ALA A 420 5.16 19.01 -12.45
C ALA A 420 4.96 17.64 -13.14
N THR A 421 6.02 17.16 -13.76
CA THR A 421 6.03 15.81 -14.37
C THR A 421 7.25 15.05 -13.83
N CYS A 422 7.31 13.75 -14.13
CA CYS A 422 8.45 12.93 -13.66
C CYS A 422 9.82 13.46 -14.11
N GLU A 423 9.89 13.96 -15.35
CA GLU A 423 11.12 14.63 -15.84
C GLU A 423 11.69 15.72 -14.95
N ASP A 424 10.81 16.55 -14.37
CA ASP A 424 11.23 17.69 -13.53
C ASP A 424 11.88 17.14 -12.28
N PHE A 425 11.32 16.03 -11.78
CA PHE A 425 11.98 15.40 -10.62
C PHE A 425 13.33 14.92 -11.02
N ASN A 426 13.41 14.24 -12.17
CA ASN A 426 14.64 13.65 -12.64
C ASN A 426 15.68 14.74 -12.92
N TYR A 427 15.22 15.85 -13.51
CA TYR A 427 16.10 17.03 -13.73
C TYR A 427 16.73 17.53 -12.44
N ALA A 428 15.92 17.73 -11.41
CA ALA A 428 16.39 18.13 -10.10
C ALA A 428 17.43 17.18 -9.49
N MET A 429 17.20 15.87 -9.58
CA MET A 429 18.21 14.89 -9.12
C MET A 429 19.49 14.94 -9.96
N GLU A 430 19.31 15.20 -11.23
CA GLU A 430 20.47 15.28 -12.14
C GLU A 430 21.38 16.46 -11.73
N GLN A 431 20.79 17.60 -11.33
CA GLN A 431 21.57 18.76 -10.95
C GLN A 431 22.38 18.40 -9.75
N ALA A 432 21.78 17.66 -8.81
CA ALA A 432 22.52 17.17 -7.66
C ALA A 432 23.58 16.15 -8.10
N TYR A 433 23.29 15.40 -9.18
CA TYR A 433 24.20 14.34 -9.64
C TYR A 433 25.45 15.01 -10.23
N LYS A 434 25.25 16.05 -11.05
CA LYS A 434 26.39 16.86 -11.58
C LYS A 434 27.24 17.42 -10.42
N MET A 435 26.59 17.91 -9.39
CA MET A 435 27.29 18.44 -8.23
C MET A 435 28.07 17.36 -7.47
N LYS A 436 27.49 16.16 -7.37
CA LYS A 436 28.17 15.03 -6.69
C LYS A 436 29.39 14.55 -7.47
N LYS A 437 29.21 14.34 -8.78
CA LYS A 437 30.27 13.83 -9.65
C LYS A 437 31.29 14.94 -9.99
N ALA A 438 30.98 16.16 -9.56
CA ALA A 438 31.69 17.36 -9.93
C ALA A 438 32.00 17.33 -11.43
N ASP A 439 30.97 17.21 -12.25
CA ASP A 439 31.06 17.54 -13.68
C ASP A 439 29.75 17.50 -14.45
N ASN A 440 29.58 18.51 -15.27
CA ASN A 440 28.28 18.82 -15.85
C ASN A 440 28.07 18.17 -17.18
N SER A 441 28.96 17.24 -17.46
CA SER A 441 28.79 16.33 -18.58
C SER A 441 27.82 15.22 -18.13
N ALA A 442 27.85 14.93 -16.82
CA ALA A 442 27.14 13.79 -16.18
C ALA A 442 25.65 14.04 -16.19
N ASN A 443 24.90 13.00 -16.56
CA ASN A 443 23.46 13.12 -16.64
C ASN A 443 22.66 11.89 -16.13
N LEU A 444 21.35 12.05 -15.95
CA LEU A 444 20.50 10.90 -15.52
C LEU A 444 19.52 10.53 -16.58
N ASN A 445 19.92 10.74 -17.83
CA ASN A 445 19.01 10.48 -18.92
C ASN A 445 18.50 9.03 -18.97
N GLN A 446 19.41 8.09 -18.76
CA GLN A 446 19.08 6.63 -18.79
C GLN A 446 18.14 6.28 -17.62
N TYR A 447 18.28 7.00 -16.51
CA TYR A 447 17.41 6.80 -15.33
C TYR A 447 15.91 6.86 -15.66
N LEU A 448 15.57 7.69 -16.67
CA LEU A 448 14.18 7.90 -17.05
C LEU A 448 13.53 6.61 -17.48
N LEU A 449 14.36 5.63 -17.89
CA LEU A 449 13.79 4.29 -18.24
C LEU A 449 13.08 3.61 -17.06
N TRP A 450 13.46 3.95 -15.84
CA TRP A 450 12.70 3.46 -14.70
C TRP A 450 11.24 3.88 -14.65
N PHE A 451 10.94 5.01 -15.27
CA PHE A 451 9.56 5.43 -15.36
C PHE A 451 8.83 4.77 -16.46
N SER A 452 9.51 4.55 -17.59
CA SER A 452 8.78 4.07 -18.79
C SER A 452 8.80 2.57 -19.03
N GLN A 453 9.78 1.90 -18.47
CA GLN A 453 9.95 0.45 -18.75
C GLN A 453 9.25 -0.44 -17.72
N SER A 454 8.37 -1.36 -18.17
CA SER A 454 7.70 -2.33 -17.26
C SER A 454 8.52 -3.61 -17.03
N GLY A 455 8.17 -4.41 -16.03
CA GLY A 455 8.86 -5.70 -15.79
C GLY A 455 9.96 -5.49 -14.75
N THR A 456 10.34 -6.59 -14.13
CA THR A 456 11.35 -6.57 -13.07
C THR A 456 12.67 -6.96 -13.72
N PRO A 457 13.71 -6.13 -13.53
CA PRO A 457 15.02 -6.59 -14.08
C PRO A 457 15.54 -7.75 -13.27
N HIS A 458 16.24 -8.66 -13.95
CA HIS A 458 17.01 -9.73 -13.36
C HIS A 458 18.52 -9.39 -13.34
N VAL A 459 19.15 -9.49 -12.18
CA VAL A 459 20.56 -9.11 -12.10
C VAL A 459 21.34 -10.34 -11.60
N SER A 460 22.32 -10.81 -12.39
CA SER A 460 23.05 -12.01 -12.06
C SER A 460 24.56 -11.73 -12.02
N PHE A 461 25.26 -12.58 -11.28
CA PHE A 461 26.65 -12.40 -10.92
C PHE A 461 27.53 -13.61 -11.19
N LYS A 462 28.78 -13.33 -11.56
CA LYS A 462 29.87 -14.37 -11.48
C LYS A 462 31.06 -13.67 -10.88
N TYR A 463 32.03 -14.43 -10.40
CA TYR A 463 33.07 -13.85 -9.59
C TYR A 463 34.40 -14.40 -10.00
N ASN A 464 35.48 -13.68 -9.71
CA ASN A 464 36.83 -14.27 -9.88
C ASN A 464 37.75 -13.71 -8.82
N TYR A 465 38.58 -14.56 -8.19
CA TYR A 465 39.56 -14.09 -7.28
C TYR A 465 40.96 -14.62 -7.69
N ASP A 466 41.90 -13.70 -7.92
CA ASP A 466 43.29 -14.11 -8.10
C ASP A 466 44.10 -13.91 -6.81
N ALA A 467 44.46 -15.01 -6.17
CA ALA A 467 45.04 -15.00 -4.83
C ALA A 467 46.43 -14.40 -4.88
N GLU A 468 47.16 -14.65 -5.95
CA GLU A 468 48.50 -14.11 -6.10
C GLU A 468 48.40 -12.60 -6.32
N LYS A 469 47.45 -12.16 -7.14
CA LYS A 469 47.33 -10.75 -7.44
C LYS A 469 46.55 -9.94 -6.39
N LYS A 470 45.85 -10.62 -5.50
CA LYS A 470 44.96 -9.95 -4.50
C LYS A 470 43.87 -9.14 -5.21
N GLN A 471 43.35 -9.71 -6.32
CA GLN A 471 42.47 -8.97 -7.21
C GLN A 471 41.15 -9.71 -7.37
N TYR A 472 40.05 -9.04 -7.02
CA TYR A 472 38.72 -9.66 -6.97
C TYR A 472 37.83 -9.02 -8.02
N SER A 473 37.10 -9.84 -8.80
CA SER A 473 36.26 -9.25 -9.85
C SER A 473 34.80 -9.73 -9.69
N ILE A 474 33.87 -8.81 -9.78
CA ILE A 474 32.42 -9.11 -9.84
C ILE A 474 31.94 -8.81 -11.26
N HIS A 475 31.48 -9.87 -11.92
CA HIS A 475 30.92 -9.72 -13.25
CA HIS A 475 30.93 -9.82 -13.26
C HIS A 475 29.40 -9.71 -13.14
N VAL A 476 28.80 -8.62 -13.60
CA VAL A 476 27.36 -8.41 -13.46
C VAL A 476 26.63 -8.34 -14.77
N ASN A 477 25.46 -9.00 -14.83
CA ASN A 477 24.59 -9.00 -16.01
C ASN A 477 23.20 -8.48 -15.57
N GLN A 478 22.49 -7.70 -16.42
CA GLN A 478 21.09 -7.43 -16.22
C GLN A 478 20.25 -7.82 -17.47
N TYR A 479 19.01 -8.20 -17.24
CA TYR A 479 18.15 -8.69 -18.32
C TYR A 479 16.73 -8.32 -17.82
N THR A 480 15.89 -7.75 -18.68
CA THR A 480 14.48 -7.69 -18.36
C THR A 480 13.75 -8.45 -19.45
N LYS A 481 12.81 -9.32 -19.04
CA LYS A 481 11.99 -10.11 -20.03
C LYS A 481 11.09 -9.22 -20.85
N PRO A 482 11.13 -9.38 -22.20
CA PRO A 482 10.15 -8.60 -22.95
C PRO A 482 8.72 -8.95 -22.51
N ASP A 483 7.78 -8.04 -22.74
CA ASP A 483 6.38 -8.21 -22.29
C ASP A 483 5.50 -7.42 -23.27
N GLU A 484 4.23 -7.22 -22.95
CA GLU A 484 3.34 -6.45 -23.84
C GLU A 484 3.68 -4.99 -24.06
N ASN A 485 4.44 -4.36 -23.16
CA ASN A 485 4.73 -2.93 -23.27
C ASN A 485 6.05 -2.57 -23.97
N GLN A 486 7.07 -3.40 -23.86
CA GLN A 486 8.25 -3.25 -24.72
C GLN A 486 8.73 -4.63 -25.23
N LYS A 487 8.87 -4.74 -26.55
CA LYS A 487 9.43 -5.98 -27.14
C LYS A 487 10.94 -6.02 -26.93
N GLU A 488 11.59 -4.86 -26.95
CA GLU A 488 13.03 -4.79 -26.68
C GLU A 488 13.27 -3.98 -25.39
N LYS A 489 13.84 -4.57 -24.36
CA LYS A 489 14.01 -3.86 -23.09
C LYS A 489 15.42 -3.27 -23.02
N LYS A 490 15.56 -2.03 -22.61
CA LYS A 490 16.91 -1.46 -22.59
C LYS A 490 17.51 -1.64 -21.21
N PRO A 491 18.87 -1.69 -21.11
CA PRO A 491 19.50 -1.72 -19.77
C PRO A 491 19.17 -0.47 -18.97
N LEU A 492 18.89 -0.72 -17.69
CA LEU A 492 18.62 0.33 -16.74
C LEU A 492 19.84 0.80 -15.97
N PHE A 493 19.68 1.91 -15.28
CA PHE A 493 20.75 2.40 -14.41
C PHE A 493 20.49 1.78 -13.02
N ILE A 494 21.34 0.82 -12.63
CA ILE A 494 21.11 0.01 -11.46
C ILE A 494 22.23 0.24 -10.48
N PRO A 495 21.90 0.84 -9.35
CA PRO A 495 22.93 1.04 -8.29
C PRO A 495 22.98 -0.20 -7.36
N ILE A 496 24.19 -0.73 -7.14
CA ILE A 496 24.39 -1.98 -6.42
C ILE A 496 25.22 -1.69 -5.22
N SER A 497 24.59 -1.50 -4.04
CA SER A 497 25.39 -1.21 -2.81
C SER A 497 25.99 -2.53 -2.46
N VAL A 498 27.28 -2.52 -2.24
CA VAL A 498 27.98 -3.81 -2.01
C VAL A 498 28.95 -3.67 -0.91
N GLY A 499 29.16 -4.82 -0.28
CA GLY A 499 30.28 -4.94 0.69
C GLY A 499 31.05 -6.20 0.31
N LEU A 500 32.27 -6.34 0.84
CA LEU A 500 33.04 -7.60 0.70
C LEU A 500 33.36 -8.12 2.08
N ILE A 501 32.86 -9.31 2.39
CA ILE A 501 33.00 -9.85 3.76
C ILE A 501 34.19 -10.84 3.80
N ASN A 502 35.16 -10.64 4.70
CA ASN A 502 36.22 -11.62 4.90
C ASN A 502 35.60 -12.86 5.63
N PRO A 503 35.57 -14.03 4.98
CA PRO A 503 34.87 -15.20 5.51
C PRO A 503 35.59 -15.79 6.74
N GLU A 504 36.86 -15.44 6.93
CA GLU A 504 37.57 -15.85 8.14
C GLU A 504 37.15 -15.17 9.49
N ASN A 505 36.81 -13.88 9.49
CA ASN A 505 36.61 -13.15 10.74
C ASN A 505 35.37 -12.28 10.62
N GLY A 506 34.70 -12.35 9.45
CA GLY A 506 33.43 -11.61 9.34
C GLY A 506 33.55 -10.11 9.08
N LYS A 507 34.75 -9.59 8.84
CA LYS A 507 34.99 -8.14 8.72
C LYS A 507 34.74 -7.55 7.34
N GLU A 508 34.35 -6.28 7.30
CA GLU A 508 34.24 -5.60 6.01
C GLU A 508 35.63 -5.46 5.35
N MET A 509 35.76 -5.75 4.06
CA MET A 509 37.04 -5.54 3.43
C MET A 509 37.17 -4.24 2.65
N ILE A 510 36.07 -3.58 2.30
CA ILE A 510 36.15 -2.33 1.55
C ILE A 510 35.21 -1.31 2.20
N SER A 511 35.37 -0.05 1.83
CA SER A 511 34.49 1.01 2.34
C SER A 511 33.17 0.91 1.61
N GLN A 512 32.19 1.70 2.04
CA GLN A 512 30.84 1.75 1.40
C GLN A 512 31.03 1.99 -0.08
N THR A 513 30.37 1.20 -0.93
CA THR A 513 30.63 1.30 -2.34
C THR A 513 29.29 1.00 -2.98
N THR A 514 28.90 1.83 -3.96
CA THR A 514 27.72 1.53 -4.76
C THR A 514 28.16 1.50 -6.19
N LEU A 515 28.18 0.29 -6.76
CA LEU A 515 28.35 0.06 -8.19
C LEU A 515 27.25 0.66 -9.01
N GLU A 516 27.62 1.42 -10.04
CA GLU A 516 26.64 1.99 -10.95
C GLU A 516 26.65 1.09 -12.18
N LEU A 517 25.72 0.15 -12.30
CA LEU A 517 25.63 -0.68 -13.51
C LEU A 517 24.75 0.03 -14.52
N THR A 518 25.30 0.32 -15.70
CA THR A 518 24.58 1.14 -16.66
C THR A 518 24.51 0.43 -18.02
N LYS A 519 25.10 -0.75 -18.12
CA LYS A 519 25.16 -1.48 -19.39
C LYS A 519 24.52 -2.81 -19.21
N GLU A 520 24.29 -3.53 -20.29
CA GLU A 520 23.80 -4.86 -20.17
C GLU A 520 24.73 -5.75 -19.30
N SER A 521 26.04 -5.49 -19.30
CA SER A 521 26.93 -6.18 -18.33
C SER A 521 28.14 -5.33 -18.09
N ASP A 522 28.79 -5.59 -16.95
CA ASP A 522 30.03 -4.90 -16.59
C ASP A 522 30.90 -5.74 -15.71
N THR A 523 32.18 -5.44 -15.58
CA THR A 523 32.98 -6.21 -14.64
C THR A 523 33.58 -5.17 -13.70
N PHE A 524 33.38 -5.35 -12.40
CA PHE A 524 33.91 -4.45 -11.39
C PHE A 524 35.10 -5.11 -10.69
N VAL A 525 36.27 -4.50 -10.79
CA VAL A 525 37.49 -5.10 -10.26
C VAL A 525 37.96 -4.35 -9.00
N PHE A 526 38.45 -5.11 -7.99
CA PHE A 526 38.90 -4.48 -6.77
C PHE A 526 40.27 -5.02 -6.49
N ASN A 527 41.23 -4.12 -6.32
CA ASN A 527 42.59 -4.51 -5.93
C ASN A 527 42.88 -4.52 -4.43
N ASN A 528 44.04 -5.09 -4.06
CA ASN A 528 44.39 -5.21 -2.66
C ASN A 528 43.28 -5.86 -1.82
N ILE A 529 42.74 -6.97 -2.31
CA ILE A 529 41.80 -7.81 -1.59
C ILE A 529 42.56 -9.01 -1.02
N ALA A 530 42.82 -8.99 0.29
CA ALA A 530 43.82 -9.91 0.86
C ALA A 530 43.44 -11.37 0.83
N VAL A 531 42.15 -11.61 0.81
CA VAL A 531 41.67 -12.97 0.92
C VAL A 531 40.45 -13.03 -0.01
N LYS A 532 40.03 -14.20 -0.43
CA LYS A 532 38.79 -14.30 -1.25
C LYS A 532 37.58 -13.95 -0.41
N PRO A 533 36.82 -12.91 -0.83
CA PRO A 533 35.72 -12.40 -0.01
C PRO A 533 34.44 -13.12 -0.30
N ILE A 534 33.46 -12.98 0.58
CA ILE A 534 32.07 -13.25 0.19
C ILE A 534 31.45 -11.88 -0.10
N PRO A 535 30.77 -11.78 -1.25
CA PRO A 535 30.17 -10.52 -1.62
C PRO A 535 28.79 -10.33 -1.00
N SER A 536 28.58 -9.13 -0.47
CA SER A 536 27.33 -8.70 0.15
C SER A 536 26.68 -7.78 -0.87
N LEU A 537 25.67 -8.33 -1.56
CA LEU A 537 25.17 -7.66 -2.77
C LEU A 537 23.76 -7.08 -2.64
N PHE A 538 23.57 -5.86 -3.19
CA PHE A 538 22.28 -5.13 -3.06
C PHE A 538 21.92 -4.83 -1.61
N ARG A 539 22.90 -4.37 -0.81
CA ARG A 539 22.58 -4.00 0.56
C ARG A 539 21.43 -3.00 0.64
N GLY A 540 20.56 -3.27 1.61
CA GLY A 540 19.38 -2.41 1.83
C GLY A 540 18.37 -2.72 0.75
N PHE A 541 18.62 -3.74 -0.12
CA PHE A 541 17.80 -4.01 -1.34
C PHE A 541 17.86 -2.74 -2.23
N SER A 542 19.06 -2.50 -2.77
CA SER A 542 19.32 -1.20 -3.40
C SER A 542 18.75 -0.99 -4.80
N ALA A 543 18.14 -1.99 -5.41
CA ALA A 543 17.35 -1.74 -6.60
C ALA A 543 16.27 -2.78 -6.69
N PRO A 544 15.09 -2.48 -7.33
CA PRO A 544 13.92 -3.33 -7.40
C PRO A 544 14.08 -4.40 -8.49
N VAL A 545 14.84 -5.46 -8.13
CA VAL A 545 15.35 -6.46 -9.14
C VAL A 545 15.24 -7.84 -8.56
N TYR A 546 15.18 -8.85 -9.43
CA TYR A 546 15.44 -10.21 -9.02
C TYR A 546 16.93 -10.34 -8.90
N ILE A 547 17.43 -10.74 -7.73
CA ILE A 547 18.85 -10.89 -7.48
C ILE A 547 19.23 -12.34 -7.60
N GLU A 548 20.12 -12.65 -8.55
CA GLU A 548 20.67 -14.03 -8.64
C GLU A 548 22.12 -14.01 -8.20
N ASP A 549 22.36 -14.35 -6.92
CA ASP A 549 23.66 -14.04 -6.25
C ASP A 549 24.66 -15.16 -6.66
N GLN A 550 24.14 -16.29 -7.16
CA GLN A 550 25.01 -17.45 -7.52
C GLN A 550 26.00 -17.81 -6.45
N LEU A 551 25.59 -17.65 -5.21
CA LEU A 551 26.47 -18.07 -4.11
C LEU A 551 26.08 -19.48 -3.67
N THR A 552 27.03 -20.21 -3.10
CA THR A 552 26.73 -21.53 -2.48
C THR A 552 25.96 -21.33 -1.19
N ASP A 553 25.27 -22.37 -0.72
CA ASP A 553 24.62 -22.18 0.55
C ASP A 553 25.64 -21.98 1.68
N GLU A 554 26.84 -22.55 1.55
CA GLU A 554 27.83 -22.25 2.58
C GLU A 554 28.17 -20.75 2.69
N GLU A 555 28.34 -20.09 1.55
CA GLU A 555 28.59 -18.65 1.53
C GLU A 555 27.35 -17.91 2.07
N ARG A 556 26.15 -18.33 1.67
CA ARG A 556 24.94 -17.73 2.16
C ARG A 556 24.80 -17.81 3.67
N ILE A 557 25.15 -18.97 4.25
CA ILE A 557 25.17 -19.14 5.68
C ILE A 557 26.16 -18.19 6.30
N LEU A 558 27.33 -18.03 5.70
CA LEU A 558 28.34 -17.12 6.25
C LEU A 558 27.79 -15.70 6.31
N LEU A 559 27.07 -15.32 5.26
CA LEU A 559 26.52 -13.95 5.24
C LEU A 559 25.45 -13.84 6.30
N LEU A 560 24.63 -14.88 6.39
CA LEU A 560 23.46 -14.83 7.32
C LEU A 560 23.99 -14.64 8.73
N LYS A 561 25.09 -15.32 9.04
CA LYS A 561 25.66 -15.21 10.36
C LYS A 561 26.38 -13.92 10.55
N TYR A 562 27.18 -13.51 9.56
CA TYR A 562 28.26 -12.55 9.82
C TYR A 562 28.19 -11.21 9.09
N ASP A 563 27.32 -11.11 8.10
CA ASP A 563 27.22 -9.84 7.32
C ASP A 563 26.66 -8.73 8.18
N SER A 564 26.93 -7.48 7.82
CA SER A 564 26.42 -6.32 8.61
C SER A 564 25.11 -5.80 8.07
N ASP A 565 24.69 -6.22 6.88
CA ASP A 565 23.49 -5.59 6.33
C ASP A 565 22.29 -6.49 6.56
N ALA A 566 21.21 -5.99 7.18
CA ALA A 566 20.03 -6.85 7.50
C ALA A 566 19.40 -7.45 6.26
N PHE A 567 19.27 -6.67 5.20
CA PHE A 567 18.64 -7.19 4.02
C PHE A 567 19.46 -8.32 3.43
N VAL A 568 20.77 -8.15 3.31
CA VAL A 568 21.54 -9.20 2.68
C VAL A 568 21.47 -10.50 3.53
N ARG A 569 21.50 -10.35 4.85
CA ARG A 569 21.37 -11.53 5.72
C ARG A 569 20.05 -12.28 5.44
N TYR A 570 18.97 -11.49 5.44
CA TYR A 570 17.61 -12.03 5.14
C TYR A 570 17.51 -12.60 3.74
N ASN A 571 18.11 -11.90 2.76
CA ASN A 571 18.04 -12.36 1.40
C ASN A 571 18.85 -13.63 1.25
N SER A 572 19.98 -13.75 1.92
CA SER A 572 20.74 -14.98 1.86
C SER A 572 19.88 -16.13 2.43
N CYS A 573 19.25 -15.94 3.56
CA CYS A 573 18.30 -16.93 4.12
C CYS A 573 17.23 -17.30 3.11
N THR A 574 16.64 -16.25 2.53
CA THR A 574 15.56 -16.47 1.55
C THR A 574 16.06 -17.37 0.37
N ASN A 575 17.25 -17.08 -0.14
CA ASN A 575 17.83 -17.83 -1.26
C ASN A 575 18.12 -19.27 -0.89
N ILE A 576 18.57 -19.49 0.37
CA ILE A 576 18.76 -20.89 0.87
C ILE A 576 17.38 -21.61 0.83
N TYR A 577 16.36 -20.97 1.40
CA TYR A 577 15.03 -21.54 1.33
C TYR A 577 14.51 -21.76 -0.06
N MET A 578 14.70 -20.81 -0.98
CA MET A 578 14.17 -21.01 -2.36
C MET A 578 14.87 -22.21 -3.05
N LYS A 579 16.17 -22.39 -2.82
CA LYS A 579 16.87 -23.48 -3.52
C LYS A 579 16.25 -24.82 -3.03
N GLN A 580 16.02 -24.85 -1.73
CA GLN A 580 15.43 -26.03 -1.05
C GLN A 580 14.01 -26.27 -1.52
N ILE A 581 13.21 -25.18 -1.58
CA ILE A 581 11.83 -25.28 -2.09
C ILE A 581 11.73 -25.80 -3.48
N LEU A 582 12.54 -25.26 -4.36
CA LEU A 582 12.42 -25.66 -5.76
C LEU A 582 12.85 -27.12 -5.93
N MET A 583 13.82 -27.58 -5.13
CA MET A 583 14.29 -28.96 -5.22
CA MET A 583 14.28 -28.97 -5.22
C MET A 583 13.18 -29.92 -4.74
N ASN A 584 12.66 -29.68 -3.54
CA ASN A 584 11.61 -30.55 -3.01
C ASN A 584 10.36 -30.47 -3.87
N TYR A 585 10.01 -29.26 -4.32
CA TYR A 585 8.82 -29.15 -5.17
C TYR A 585 8.94 -30.12 -6.36
N ASN A 586 10.09 -30.09 -7.04
CA ASN A 586 10.32 -30.93 -8.22
CA ASN A 586 10.24 -30.88 -8.25
C ASN A 586 10.29 -32.41 -7.87
N GLU A 587 10.80 -32.76 -6.67
CA GLU A 587 10.79 -34.18 -6.20
C GLU A 587 9.34 -34.63 -5.93
N PHE A 588 8.59 -33.80 -5.22
CA PHE A 588 7.16 -34.12 -5.04
C PHE A 588 6.37 -34.18 -6.35
N LEU A 589 6.64 -33.21 -7.24
CA LEU A 589 5.89 -33.17 -8.52
C LEU A 589 6.14 -34.44 -9.35
N LYS A 590 7.40 -34.86 -9.42
CA LYS A 590 7.77 -36.08 -10.16
C LYS A 590 7.07 -37.29 -9.56
N ALA A 591 7.02 -37.37 -8.23
CA ALA A 591 6.35 -38.48 -7.55
C ALA A 591 4.85 -38.52 -7.85
N LYS A 592 4.17 -37.34 -7.82
CA LYS A 592 2.74 -37.23 -8.20
C LYS A 592 2.53 -37.56 -9.68
N ASN A 593 3.37 -36.97 -10.53
CA ASN A 593 3.28 -37.23 -11.99
C ASN A 593 3.51 -38.67 -12.39
N GLU A 594 4.59 -39.25 -11.87
CA GLU A 594 4.89 -40.65 -12.14
C GLU A 594 4.14 -41.66 -11.26
N LYS A 595 3.22 -41.19 -10.42
CA LYS A 595 2.49 -42.12 -9.52
C LYS A 595 3.48 -43.12 -8.81
N LEU A 596 4.58 -42.58 -8.28
CA LEU A 596 5.59 -43.39 -7.57
C LEU A 596 5.03 -44.04 -6.29
N GLU A 597 5.39 -45.29 -6.04
CA GLU A 597 5.02 -45.93 -4.77
C GLU A 597 6.02 -45.56 -3.64
N SER A 598 7.23 -45.16 -4.03
CA SER A 598 8.24 -44.72 -3.08
C SER A 598 9.14 -43.73 -3.83
N PHE A 599 9.78 -42.84 -3.10
CA PHE A 599 10.66 -41.81 -3.68
C PHE A 599 11.44 -41.19 -2.56
N GLN A 600 12.47 -40.42 -2.90
CA GLN A 600 13.24 -39.72 -1.86
C GLN A 600 13.02 -38.18 -1.89
N LEU A 601 13.19 -37.55 -0.74
CA LEU A 601 13.20 -36.07 -0.64
C LEU A 601 14.58 -35.66 -0.17
N THR A 602 15.10 -34.60 -0.75
CA THR A 602 16.35 -34.03 -0.28
C THR A 602 16.17 -33.33 1.07
N PRO A 603 16.92 -33.71 2.10
CA PRO A 603 16.64 -33.03 3.35
C PRO A 603 17.16 -31.57 3.34
N VAL A 604 16.73 -30.81 4.35
CA VAL A 604 17.14 -29.39 4.56
C VAL A 604 18.56 -29.42 4.99
N ASN A 605 19.37 -28.45 4.53
CA ASN A 605 20.80 -28.38 4.80
C ASN A 605 21.00 -28.28 6.33
N ALA A 606 21.71 -29.25 6.93
CA ALA A 606 22.02 -29.28 8.36
C ALA A 606 22.75 -28.04 8.85
N GLN A 607 23.72 -27.56 8.09
CA GLN A 607 24.47 -26.34 8.52
C GLN A 607 23.56 -25.11 8.48
N PHE A 608 22.55 -25.12 7.62
CA PHE A 608 21.59 -24.00 7.57
C PHE A 608 20.76 -24.06 8.85
N ILE A 609 20.26 -25.26 9.20
CA ILE A 609 19.55 -25.45 10.47
C ILE A 609 20.42 -24.97 11.68
N ASP A 610 21.68 -25.38 11.68
CA ASP A 610 22.53 -24.95 12.80
C ASP A 610 22.67 -23.42 12.86
N ALA A 611 22.65 -22.74 11.71
CA ALA A 611 22.91 -21.27 11.66
C ALA A 611 21.65 -20.61 12.20
N ILE A 612 20.49 -21.17 11.90
CA ILE A 612 19.23 -20.66 12.40
C ILE A 612 19.22 -20.81 13.92
N LYS A 613 19.73 -21.93 14.42
CA LYS A 613 19.70 -22.15 15.87
C LYS A 613 20.67 -21.17 16.52
N TYR A 614 21.85 -21.03 15.92
CA TYR A 614 22.88 -20.09 16.40
C TYR A 614 22.26 -18.66 16.56
N LEU A 615 21.56 -18.21 15.55
CA LEU A 615 20.92 -16.85 15.58
C LEU A 615 19.81 -16.77 16.62
N LEU A 616 18.92 -17.76 16.67
CA LEU A 616 17.84 -17.75 17.66
C LEU A 616 18.42 -17.70 19.09
N GLU A 617 19.51 -18.43 19.30
CA GLU A 617 20.04 -18.52 20.64
C GLU A 617 20.89 -17.31 21.03
N ASP A 618 21.09 -16.40 20.09
CA ASP A 618 21.95 -15.29 20.39
C ASP A 618 21.13 -14.20 21.12
N PRO A 619 21.39 -13.97 22.43
CA PRO A 619 20.57 -13.04 23.16
C PRO A 619 20.72 -11.61 22.63
N HIS A 620 21.73 -11.32 21.82
CA HIS A 620 21.88 -9.95 21.33
C HIS A 620 21.26 -9.70 19.96
N ALA A 621 20.76 -10.76 19.30
CA ALA A 621 20.22 -10.64 17.93
C ALA A 621 18.79 -10.06 18.04
N ASP A 622 18.25 -9.52 16.94
CA ASP A 622 16.98 -8.85 16.96
C ASP A 622 15.80 -9.83 16.83
N ALA A 623 14.79 -9.70 17.72
CA ALA A 623 13.65 -10.61 17.69
C ALA A 623 12.86 -10.54 16.40
N GLY A 624 12.64 -9.34 15.88
CA GLY A 624 11.99 -9.18 14.57
C GLY A 624 12.72 -9.91 13.44
N PHE A 625 14.03 -9.71 13.37
CA PHE A 625 14.85 -10.43 12.39
C PHE A 625 14.68 -11.97 12.56
N LYS A 626 14.75 -12.42 13.81
CA LYS A 626 14.64 -13.83 14.10
C LYS A 626 13.31 -14.36 13.54
N SER A 627 12.24 -13.58 13.66
CA SER A 627 10.91 -14.05 13.16
C SER A 627 10.90 -14.25 11.64
N TYR A 628 11.72 -13.45 10.93
CA TYR A 628 11.82 -13.54 9.47
C TYR A 628 12.58 -14.85 9.09
N ILE A 629 13.60 -15.23 9.86
CA ILE A 629 14.45 -16.36 9.44
C ILE A 629 13.77 -17.71 9.63
N VAL A 630 12.81 -17.81 10.55
CA VAL A 630 12.10 -19.08 10.75
C VAL A 630 10.84 -19.22 9.89
N SER A 631 10.58 -18.20 9.10
CA SER A 631 9.41 -18.21 8.20
C SER A 631 9.90 -18.44 6.75
N LEU A 632 9.26 -19.39 6.04
CA LEU A 632 9.58 -19.62 4.64
C LEU A 632 9.16 -18.37 3.86
N PRO A 633 9.76 -18.10 2.70
CA PRO A 633 9.29 -17.06 1.80
C PRO A 633 7.79 -17.18 1.50
N GLN A 634 7.15 -16.02 1.32
CA GLN A 634 5.71 -16.00 1.04
CA GLN A 634 5.72 -15.95 1.00
C GLN A 634 5.39 -16.74 -0.25
N ASP A 635 4.16 -17.31 -0.30
CA ASP A 635 3.72 -18.09 -1.45
C ASP A 635 3.75 -17.27 -2.72
N ARG A 636 3.40 -15.99 -2.63
CA ARG A 636 3.36 -15.14 -3.83
CA ARG A 636 3.39 -15.11 -3.82
C ARG A 636 4.79 -14.68 -4.25
N TYR A 637 5.78 -14.87 -3.37
CA TYR A 637 7.16 -14.67 -3.75
C TYR A 637 7.62 -15.97 -4.54
N ILE A 638 7.39 -17.14 -3.92
CA ILE A 638 7.74 -18.43 -4.55
C ILE A 638 7.22 -18.55 -5.94
N ILE A 639 6.01 -18.09 -6.18
CA ILE A 639 5.36 -18.33 -7.49
C ILE A 639 6.10 -17.67 -8.63
N ASN A 640 6.91 -16.66 -8.31
CA ASN A 640 7.67 -16.01 -9.40
C ASN A 640 8.71 -16.95 -9.97
N PHE A 641 8.94 -18.05 -9.28
CA PHE A 641 10.03 -18.93 -9.68
C PHE A 641 9.64 -20.32 -10.15
N VAL A 642 8.37 -20.63 -10.18
CA VAL A 642 7.86 -21.89 -10.67
C VAL A 642 6.83 -21.74 -11.80
N SER A 643 6.98 -22.51 -12.90
CA SER A 643 5.94 -22.51 -13.98
C SER A 643 4.84 -23.49 -13.68
N ASN A 644 3.63 -23.19 -14.14
CA ASN A 644 2.50 -24.10 -13.92
C ASN A 644 2.46 -24.59 -12.50
N LEU A 645 2.62 -23.67 -11.55
CA LEU A 645 2.69 -24.07 -10.16
C LEU A 645 1.46 -24.85 -9.65
N ASP A 646 1.70 -26.04 -9.12
CA ASP A 646 0.68 -26.84 -8.51
C ASP A 646 0.66 -26.51 -7.01
N THR A 647 -0.45 -25.91 -6.55
CA THR A 647 -0.53 -25.36 -5.20
C THR A 647 -0.52 -26.46 -4.14
N ASP A 648 -1.05 -27.64 -4.46
CA ASP A 648 -0.95 -28.78 -3.55
C ASP A 648 0.44 -29.30 -3.41
N VAL A 649 1.22 -29.31 -4.50
CA VAL A 649 2.58 -29.77 -4.41
C VAL A 649 3.38 -28.74 -3.64
N LEU A 650 3.03 -27.46 -3.80
CA LEU A 650 3.76 -26.43 -3.05
C LEU A 650 3.39 -26.58 -1.61
N ALA A 651 2.12 -26.82 -1.33
CA ALA A 651 1.73 -26.97 0.09
C ALA A 651 2.52 -28.16 0.71
N ASP A 652 2.69 -29.29 0.00
CA ASP A 652 3.43 -30.43 0.58
C ASP A 652 4.94 -30.11 0.75
N THR A 653 5.49 -29.31 -0.18
CA THR A 653 6.88 -28.92 -0.07
C THR A 653 7.05 -28.12 1.17
N LYS A 654 6.23 -27.08 1.36
CA LYS A 654 6.37 -26.24 2.59
C LYS A 654 6.25 -27.07 3.81
N GLU A 655 5.25 -27.94 3.82
CA GLU A 655 5.00 -28.82 5.01
C GLU A 655 6.26 -29.63 5.32
N TYR A 656 6.85 -30.25 4.28
CA TYR A 656 8.11 -31.06 4.49
C TYR A 656 9.24 -30.21 5.10
N ILE A 657 9.41 -28.98 4.60
CA ILE A 657 10.62 -28.18 4.95
C ILE A 657 10.38 -27.69 6.38
N TYR A 658 9.17 -27.21 6.66
CA TYR A 658 8.88 -26.81 8.04
C TYR A 658 9.03 -27.96 9.06
N LYS A 659 8.64 -29.18 8.68
CA LYS A 659 8.73 -30.30 9.62
C LYS A 659 10.20 -30.69 9.79
N GLN A 660 10.95 -30.60 8.70
CA GLN A 660 12.41 -30.90 8.76
C GLN A 660 13.13 -30.00 9.77
N ILE A 661 12.82 -28.71 9.73
CA ILE A 661 13.51 -27.81 10.63
C ILE A 661 12.96 -27.89 12.08
N GLY A 662 11.65 -28.03 12.17
CA GLY A 662 10.98 -28.23 13.44
C GLY A 662 11.48 -29.48 14.18
N ASP A 663 11.64 -30.60 13.46
CA ASP A 663 12.15 -31.83 14.07
C ASP A 663 13.54 -31.58 14.71
N LYS A 664 14.33 -30.65 14.17
CA LYS A 664 15.57 -30.27 14.85
C LYS A 664 15.42 -29.15 15.91
N LEU A 665 14.58 -28.13 15.63
CA LEU A 665 14.59 -26.93 16.51
C LEU A 665 13.41 -26.73 17.48
N ASN A 666 12.43 -27.58 17.48
CA ASN A 666 11.21 -27.26 18.26
C ASN A 666 11.50 -27.04 19.75
N ASP A 667 12.44 -27.79 20.33
CA ASP A 667 12.80 -27.54 21.74
C ASP A 667 13.37 -26.15 21.90
N VAL A 668 14.19 -25.73 20.94
CA VAL A 668 14.73 -24.37 20.94
C VAL A 668 13.57 -23.32 20.83
N TYR A 669 12.66 -23.54 19.90
CA TYR A 669 11.51 -22.65 19.76
C TYR A 669 10.68 -22.61 21.05
N TYR A 670 10.46 -23.76 21.71
CA TYR A 670 9.67 -23.78 22.96
C TYR A 670 10.39 -22.97 24.02
N LYS A 671 11.64 -23.29 24.22
CA LYS A 671 12.40 -22.59 25.24
C LYS A 671 12.34 -21.04 25.04
N MET A 672 12.47 -20.59 23.80
CA MET A 672 12.42 -19.16 23.52
C MET A 672 11.05 -18.57 23.71
N PHE A 673 10.02 -19.28 23.29
CA PHE A 673 8.67 -18.84 23.51
C PHE A 673 8.46 -18.62 25.01
N LYS A 674 9.04 -19.47 25.87
CA LYS A 674 8.90 -19.27 27.32
C LYS A 674 9.79 -18.12 27.84
N SER A 675 11.03 -18.03 27.37
CA SER A 675 11.93 -17.06 27.95
C SER A 675 11.62 -15.64 27.50
N LEU A 676 10.98 -15.51 26.33
CA LEU A 676 10.56 -14.21 25.78
C LEU A 676 9.34 -13.62 26.47
N GLU A 677 8.53 -14.42 27.17
CA GLU A 677 7.26 -13.93 27.72
CA GLU A 677 7.27 -13.91 27.72
C GLU A 677 7.42 -12.63 28.53
N ALA A 678 8.38 -12.61 29.48
CA ALA A 678 8.41 -11.48 30.44
C ALA A 678 8.52 -10.14 29.73
N LYS A 679 9.46 -10.05 28.78
CA LYS A 679 9.67 -8.81 28.07
C LYS A 679 8.61 -8.59 27.00
N ALA A 680 8.27 -9.64 26.24
CA ALA A 680 7.30 -9.44 25.18
C ALA A 680 5.96 -8.94 25.73
N ASP A 681 5.53 -9.46 26.88
CA ASP A 681 4.15 -9.23 27.34
C ASP A 681 4.07 -8.23 28.47
N ASP A 682 5.17 -7.55 28.71
CA ASP A 682 5.30 -6.56 29.75
C ASP A 682 4.16 -5.53 29.69
N LEU A 683 3.48 -5.40 30.81
CA LEU A 683 2.30 -4.54 30.97
C LEU A 683 2.62 -3.17 31.61
N THR A 684 3.91 -2.89 31.88
CA THR A 684 4.30 -1.65 32.56
C THR A 684 3.60 -0.40 31.93
N TYR A 685 3.61 -0.34 30.59
CA TYR A 685 3.03 0.79 29.87
C TYR A 685 1.69 0.55 29.20
N PHE A 686 0.99 -0.50 29.56
CA PHE A 686 -0.24 -0.85 28.89
C PHE A 686 -1.26 0.30 29.00
N ASN A 687 -1.22 1.05 30.10
CA ASN A 687 -2.17 2.14 30.22
C ASN A 687 -1.59 3.51 29.83
N ASP A 688 -0.42 3.49 29.20
CA ASP A 688 0.16 4.72 28.70
C ASP A 688 -0.15 4.73 27.21
N GLU A 689 -0.99 5.67 26.78
CA GLU A 689 -1.56 5.59 25.45
C GLU A 689 -0.53 5.95 24.34
N SER A 690 0.52 6.67 24.74
CA SER A 690 1.49 7.23 23.83
C SER A 690 2.80 6.46 23.85
N HIS A 691 2.94 5.47 24.73
CA HIS A 691 4.20 4.72 24.83
C HIS A 691 4.16 3.50 23.88
N VAL A 692 4.88 3.57 22.76
CA VAL A 692 4.83 2.47 21.79
C VAL A 692 6.22 1.94 21.56
N ASP A 693 6.40 0.65 21.78
CA ASP A 693 7.72 0.08 21.79
C ASP A 693 7.75 -0.98 20.68
N PHE A 694 8.37 -0.59 19.57
CA PHE A 694 8.39 -1.45 18.41
C PHE A 694 9.22 -2.71 18.62
N ASP A 695 10.26 -2.57 19.43
CA ASP A 695 11.08 -3.73 19.73
CA ASP A 695 11.10 -3.72 19.77
C ASP A 695 10.24 -4.72 20.54
N GLN A 696 9.48 -4.23 21.52
CA GLN A 696 8.62 -5.17 22.28
C GLN A 696 7.54 -5.85 21.40
N MET A 697 6.93 -5.10 20.47
CA MET A 697 5.99 -5.72 19.57
C MET A 697 6.67 -6.72 18.68
N ASN A 698 7.93 -6.43 18.27
CA ASN A 698 8.69 -7.50 17.54
C ASN A 698 8.91 -8.81 18.36
N MET A 699 9.17 -8.69 19.66
CA MET A 699 9.19 -9.87 20.54
C MET A 699 7.87 -10.65 20.52
N ARG A 700 6.74 -9.94 20.52
CA ARG A 700 5.47 -10.61 20.42
C ARG A 700 5.33 -11.30 19.05
N THR A 701 5.75 -10.62 17.98
CA THR A 701 5.70 -11.29 16.69
C THR A 701 6.49 -12.61 16.75
N LEU A 702 7.71 -12.56 17.32
CA LEU A 702 8.49 -13.76 17.43
C LEU A 702 7.78 -14.82 18.27
N ARG A 703 7.24 -14.48 19.46
CA ARG A 703 6.59 -15.51 20.30
C ARG A 703 5.40 -16.10 19.52
N ASN A 704 4.68 -15.24 18.81
CA ASN A 704 3.48 -15.70 18.06
C ASN A 704 3.82 -16.56 16.82
N THR A 705 4.95 -16.22 16.20
CA THR A 705 5.47 -17.00 15.12
C THR A 705 5.91 -18.43 15.62
N LEU A 706 6.67 -18.45 16.70
CA LEU A 706 7.11 -19.67 17.34
C LEU A 706 5.95 -20.48 17.82
N LEU A 707 4.95 -19.82 18.41
CA LEU A 707 3.76 -20.55 18.87
C LEU A 707 3.05 -21.26 17.73
N SER A 708 2.89 -20.55 16.63
CA SER A 708 2.34 -21.17 15.41
C SER A 708 3.15 -22.40 14.93
N LEU A 709 4.46 -22.27 14.88
CA LEU A 709 5.35 -23.39 14.46
C LEU A 709 5.11 -24.59 15.41
N LEU A 710 5.08 -24.31 16.70
CA LEU A 710 4.91 -25.36 17.71
C LEU A 710 3.51 -26.04 17.64
N SER A 711 2.50 -25.26 17.33
CA SER A 711 1.13 -25.79 17.24
C SER A 711 0.95 -26.68 16.01
N LYS A 712 1.40 -26.23 14.85
CA LYS A 712 1.33 -27.07 13.64
C LYS A 712 2.11 -28.36 13.93
N ALA A 713 3.20 -28.27 14.68
CA ALA A 713 3.99 -29.49 14.94
C ALA A 713 3.38 -30.41 16.06
N GLN A 714 2.24 -29.99 16.63
CA GLN A 714 1.61 -30.71 17.76
C GLN A 714 2.67 -31.04 18.79
N TYR A 715 3.47 -30.04 19.14
CA TYR A 715 4.50 -30.16 20.14
C TYR A 715 3.84 -30.60 21.43
N PRO A 716 4.51 -31.49 22.21
CA PRO A 716 3.86 -32.01 23.43
C PRO A 716 3.31 -30.95 24.37
N ASN A 717 2.02 -31.06 24.59
CA ASN A 717 1.30 -30.25 25.57
C ASN A 717 1.20 -28.78 25.20
N ILE A 718 1.51 -28.44 23.95
CA ILE A 718 1.45 -27.01 23.53
C ILE A 718 0.05 -26.38 23.75
N LEU A 719 -1.00 -27.20 23.82
CA LEU A 719 -2.35 -26.66 24.03
C LEU A 719 -2.41 -25.93 25.37
N ASN A 720 -1.65 -26.39 26.37
CA ASN A 720 -1.55 -25.62 27.60
C ASN A 720 -1.10 -24.19 27.32
N GLU A 721 -0.13 -24.04 26.40
CA GLU A 721 0.43 -22.71 26.15
C GLU A 721 -0.58 -21.83 25.45
N ILE A 722 -1.32 -22.46 24.53
CA ILE A 722 -2.34 -21.85 23.71
C ILE A 722 -3.46 -21.27 24.56
N ILE A 723 -3.99 -22.12 25.44
CA ILE A 723 -5.02 -21.70 26.37
C ILE A 723 -4.48 -20.56 27.28
N GLU A 724 -3.28 -20.67 27.83
CA GLU A 724 -2.76 -19.55 28.65
C GLU A 724 -2.65 -18.25 27.82
N HIS A 725 -2.18 -18.39 26.58
CA HIS A 725 -2.08 -17.23 25.67
C HIS A 725 -3.40 -16.49 25.41
N SER A 726 -4.51 -17.26 25.35
CA SER A 726 -5.87 -16.74 25.15
C SER A 726 -6.31 -15.73 26.21
N LYS A 727 -5.59 -15.74 27.33
CA LYS A 727 -5.93 -14.93 28.52
C LYS A 727 -5.08 -13.66 28.58
N SER A 728 -4.19 -13.50 27.59
CA SER A 728 -3.36 -12.31 27.50
C SER A 728 -4.21 -11.05 27.28
N PRO A 729 -3.79 -9.92 27.85
CA PRO A 729 -4.49 -8.66 27.61
C PRO A 729 -4.27 -8.11 26.15
N TYR A 730 -3.18 -8.55 25.49
CA TYR A 730 -2.85 -8.06 24.13
C TYR A 730 -3.59 -8.82 23.05
N PRO A 731 -4.35 -8.12 22.20
CA PRO A 731 -5.09 -8.75 21.13
C PRO A 731 -4.24 -9.49 20.14
N SER A 732 -3.00 -9.06 19.94
CA SER A 732 -2.15 -9.83 19.04
C SER A 732 -1.99 -11.25 19.61
N ASN A 733 -1.84 -11.34 20.94
CA ASN A 733 -1.70 -12.62 21.59
C ASN A 733 -3.00 -13.41 21.56
N TRP A 734 -4.12 -12.79 21.97
CA TRP A 734 -5.26 -13.68 22.08
C TRP A 734 -5.90 -14.04 20.77
N LEU A 735 -5.69 -13.22 19.73
CA LEU A 735 -6.12 -13.60 18.42
C LEU A 735 -5.19 -14.69 17.88
N THR A 736 -3.87 -14.64 18.19
CA THR A 736 -3.01 -15.70 17.79
C THR A 736 -3.47 -16.98 18.46
N SER A 737 -3.93 -16.90 19.69
CA SER A 737 -4.41 -18.10 20.39
C SER A 737 -5.58 -18.73 19.62
N LEU A 738 -6.47 -17.92 19.02
CA LEU A 738 -7.49 -18.44 18.09
C LEU A 738 -6.90 -19.19 16.86
N SER A 739 -6.07 -18.52 16.06
CA SER A 739 -5.54 -19.19 14.86
C SER A 739 -4.77 -20.45 15.14
N VAL A 740 -3.90 -20.46 16.13
CA VAL A 740 -3.07 -21.64 16.40
C VAL A 740 -3.86 -22.76 17.05
N SER A 741 -4.99 -22.44 17.67
CA SER A 741 -5.89 -23.49 18.24
C SER A 741 -6.67 -24.26 17.19
N ALA A 742 -6.63 -23.78 15.93
CA ALA A 742 -7.23 -24.51 14.80
C ALA A 742 -6.84 -26.00 14.79
N TYR A 743 -5.62 -26.29 15.21
CA TYR A 743 -5.10 -27.67 15.14
C TYR A 743 -5.57 -28.51 16.36
N PHE A 744 -6.45 -27.94 17.20
CA PHE A 744 -6.96 -28.66 18.37
C PHE A 744 -8.49 -28.61 18.51
N ASP A 745 -9.03 -29.42 19.41
CA ASP A 745 -10.49 -29.52 19.61
C ASP A 745 -11.01 -28.30 20.36
N LYS A 746 -10.10 -27.51 20.89
CA LYS A 746 -10.47 -26.27 21.57
C LYS A 746 -10.79 -25.07 20.64
N TYR A 747 -10.68 -25.26 19.34
CA TYR A 747 -10.86 -24.12 18.40
C TYR A 747 -12.18 -23.38 18.59
N PHE A 748 -13.32 -24.07 18.56
CA PHE A 748 -14.59 -23.38 18.66
C PHE A 748 -14.83 -22.74 20.02
N GLU A 749 -14.29 -23.34 21.09
CA GLU A 749 -14.32 -22.68 22.40
C GLU A 749 -13.54 -21.33 22.31
N LEU A 750 -12.38 -21.31 21.65
CA LEU A 750 -11.62 -20.04 21.52
C LEU A 750 -12.26 -19.06 20.55
N TYR A 751 -12.93 -19.60 19.55
CA TYR A 751 -13.68 -18.81 18.60
C TYR A 751 -14.75 -17.95 19.34
N ASP A 752 -15.52 -18.61 20.21
CA ASP A 752 -16.51 -17.96 21.02
C ASP A 752 -15.89 -17.01 22.02
N LYS A 753 -14.80 -17.42 22.68
CA LYS A 753 -14.22 -16.53 23.68
C LYS A 753 -13.76 -15.24 22.99
N THR A 754 -13.03 -15.40 21.89
CA THR A 754 -12.45 -14.23 21.25
C THR A 754 -13.52 -13.36 20.54
N TYR A 755 -14.55 -13.96 19.95
CA TYR A 755 -15.69 -13.23 19.41
C TYR A 755 -16.26 -12.32 20.47
N LYS A 756 -16.46 -12.86 21.67
CA LYS A 756 -16.98 -12.05 22.77
C LYS A 756 -16.07 -10.88 23.19
N LEU A 757 -14.76 -11.11 23.14
CA LEU A 757 -13.82 -10.04 23.41
C LEU A 757 -13.77 -8.96 22.32
N SER A 758 -14.13 -9.37 21.10
CA SER A 758 -14.02 -8.50 19.88
C SER A 758 -15.31 -7.76 19.49
N LYS A 759 -16.47 -8.33 19.86
CA LYS A 759 -17.72 -7.94 19.17
C LYS A 759 -18.22 -6.50 19.38
N ASP A 760 -17.74 -5.83 20.42
CA ASP A 760 -18.23 -4.51 20.73
C ASP A 760 -17.28 -3.40 20.28
N ASP A 761 -16.24 -3.75 19.52
CA ASP A 761 -15.36 -2.73 18.92
C ASP A 761 -15.31 -3.03 17.44
N GLU A 762 -15.85 -2.12 16.64
CA GLU A 762 -16.00 -2.32 15.21
C GLU A 762 -14.68 -2.84 14.56
N LEU A 763 -13.55 -2.29 14.99
CA LEU A 763 -12.27 -2.63 14.27
C LEU A 763 -11.67 -3.92 14.79
N LEU A 764 -11.84 -4.18 16.09
CA LEU A 764 -11.35 -5.40 16.68
C LEU A 764 -12.18 -6.56 16.11
N LEU A 765 -13.49 -6.35 15.94
CA LEU A 765 -14.31 -7.40 15.30
C LEU A 765 -13.76 -7.73 13.90
N GLN A 766 -13.39 -6.70 13.12
CA GLN A 766 -12.76 -6.96 11.82
C GLN A 766 -11.44 -7.75 11.92
N GLU A 767 -10.61 -7.42 12.90
CA GLU A 767 -9.42 -8.27 13.14
C GLU A 767 -9.78 -9.70 13.51
N TRP A 768 -10.86 -9.87 14.28
CA TRP A 768 -11.31 -11.23 14.64
C TRP A 768 -11.77 -11.93 13.34
N LEU A 769 -12.53 -11.22 12.50
CA LEU A 769 -12.91 -11.84 11.21
C LEU A 769 -11.73 -12.33 10.40
N LYS A 770 -10.72 -11.47 10.30
CA LYS A 770 -9.51 -11.84 9.55
C LYS A 770 -8.87 -13.08 10.15
N THR A 771 -8.88 -13.18 11.47
CA THR A 771 -8.20 -14.30 12.15
C THR A 771 -8.94 -15.61 11.86
N VAL A 772 -10.26 -15.54 11.87
CA VAL A 772 -11.12 -16.67 11.54
C VAL A 772 -10.92 -17.04 10.09
N SER A 773 -10.99 -16.04 9.20
CA SER A 773 -10.87 -16.28 7.74
C SER A 773 -9.53 -16.96 7.41
N ARG A 774 -8.50 -16.61 8.14
CA ARG A 774 -7.12 -17.15 7.86
C ARG A 774 -6.87 -18.46 8.61
N SER A 775 -7.75 -18.85 9.52
CA SER A 775 -7.52 -20.07 10.35
C SER A 775 -7.30 -21.32 9.47
N ASP A 776 -6.29 -22.09 9.82
CA ASP A 776 -6.00 -23.32 9.07
C ASP A 776 -6.95 -24.47 9.49
N ARG A 777 -8.19 -24.38 8.99
CA ARG A 777 -9.27 -25.26 9.36
C ARG A 777 -9.65 -26.13 8.19
N LYS A 778 -9.84 -27.43 8.43
CA LYS A 778 -10.44 -28.26 7.38
C LYS A 778 -11.89 -27.87 7.08
N ASP A 779 -12.63 -27.40 8.08
CA ASP A 779 -14.04 -27.02 7.84
C ASP A 779 -14.12 -25.49 7.58
N ILE A 780 -13.08 -24.93 6.93
CA ILE A 780 -13.03 -23.47 6.62
C ILE A 780 -14.21 -23.00 5.76
N TYR A 781 -14.71 -23.83 4.81
CA TYR A 781 -15.87 -23.41 4.01
C TYR A 781 -17.15 -23.27 4.82
N GLU A 782 -17.32 -24.14 5.78
CA GLU A 782 -18.51 -24.10 6.66
C GLU A 782 -18.40 -22.94 7.63
N ILE A 783 -17.17 -22.65 8.07
CA ILE A 783 -16.90 -21.54 8.94
C ILE A 783 -17.13 -20.22 8.23
N LEU A 784 -16.72 -20.07 6.95
CA LEU A 784 -17.07 -18.84 6.22
C LEU A 784 -18.58 -18.61 6.13
N LYS A 785 -19.31 -19.69 5.91
CA LYS A 785 -20.74 -19.61 5.74
C LYS A 785 -21.38 -19.20 7.08
N LYS A 786 -20.83 -19.68 8.19
CA LYS A 786 -21.26 -19.20 9.53
C LYS A 786 -20.97 -17.69 9.71
N LEU A 787 -19.77 -17.22 9.35
CA LEU A 787 -19.49 -15.77 9.39
C LEU A 787 -20.45 -14.99 8.51
N GLU A 788 -20.70 -15.46 7.30
CA GLU A 788 -21.65 -14.76 6.45
C GLU A 788 -23.03 -14.63 7.17
N ASN A 789 -23.51 -15.71 7.76
CA ASN A 789 -24.88 -15.72 8.32
C ASN A 789 -24.98 -15.01 9.63
N GLU A 790 -23.92 -15.06 10.42
CA GLU A 790 -23.98 -14.58 11.80
C GLU A 790 -23.32 -13.24 12.07
N VAL A 791 -22.35 -12.83 11.25
CA VAL A 791 -21.58 -11.61 11.54
C VAL A 791 -21.56 -10.66 10.36
N LEU A 792 -21.21 -11.17 9.17
CA LEU A 792 -21.07 -10.24 8.04
C LEU A 792 -22.44 -9.84 7.53
N LYS A 793 -23.29 -10.84 7.27
CA LYS A 793 -24.64 -10.58 6.74
C LYS A 793 -24.58 -9.72 5.47
N ASP A 794 -25.44 -8.69 5.37
CA ASP A 794 -25.57 -7.79 4.21
C ASP A 794 -24.67 -6.50 4.25
N SER A 795 -23.69 -6.43 5.16
CA SER A 795 -22.77 -5.28 5.28
C SER A 795 -22.16 -4.85 3.93
N LYS A 796 -22.17 -3.55 3.71
CA LYS A 796 -21.50 -3.04 2.57
C LYS A 796 -20.23 -2.35 3.04
N ASN A 797 -19.83 -2.58 4.28
CA ASN A 797 -18.58 -1.93 4.75
C ASN A 797 -17.41 -2.72 4.15
N PRO A 798 -16.55 -2.04 3.36
CA PRO A 798 -15.50 -2.76 2.69
C PRO A 798 -14.54 -3.39 3.71
N ASN A 799 -14.34 -2.76 4.89
CA ASN A 799 -13.50 -3.43 5.90
C ASN A 799 -14.07 -4.80 6.32
N ASP A 800 -15.40 -4.92 6.40
CA ASP A 800 -16.01 -6.20 6.80
C ASP A 800 -15.83 -7.22 5.72
N ILE A 801 -16.17 -6.82 4.47
CA ILE A 801 -16.09 -7.74 3.29
C ILE A 801 -14.65 -8.21 3.14
N ARG A 802 -13.72 -7.27 3.03
CA ARG A 802 -12.32 -7.66 2.84
C ARG A 802 -11.82 -8.59 4.02
N ALA A 803 -12.29 -8.35 5.25
CA ALA A 803 -11.80 -9.05 6.46
C ALA A 803 -12.26 -10.51 6.37
N VAL A 804 -13.52 -10.69 5.96
CA VAL A 804 -14.07 -12.05 5.79
C VAL A 804 -13.37 -12.84 4.69
N TYR A 805 -13.10 -12.23 3.52
CA TYR A 805 -12.70 -13.05 2.36
C TYR A 805 -11.25 -12.98 1.94
N LEU A 806 -10.56 -11.85 2.11
CA LEU A 806 -9.14 -11.85 1.67
C LEU A 806 -8.15 -12.82 2.35
N PRO A 807 -8.16 -12.88 3.70
CA PRO A 807 -7.20 -13.78 4.36
C PRO A 807 -7.41 -15.25 3.95
N PHE A 808 -8.67 -15.65 3.86
CA PHE A 808 -9.02 -16.97 3.32
C PHE A 808 -8.35 -17.28 1.96
N THR A 809 -8.22 -16.26 1.08
CA THR A 809 -7.66 -16.49 -0.24
C THR A 809 -6.15 -16.82 -0.16
N ASN A 810 -5.51 -16.61 0.98
CA ASN A 810 -4.13 -17.04 1.10
C ASN A 810 -4.00 -18.48 1.58
N ASN A 811 -5.14 -19.15 1.73
CA ASN A 811 -5.08 -20.51 2.27
C ASN A 811 -4.75 -21.39 1.08
N LEU A 812 -3.48 -21.79 1.00
CA LEU A 812 -2.93 -22.49 -0.18
C LEU A 812 -3.64 -23.77 -0.50
N ARG A 813 -3.81 -24.67 0.49
CA ARG A 813 -4.59 -25.88 0.25
C ARG A 813 -6.03 -25.73 -0.09
N ARG A 814 -6.69 -24.83 0.63
CA ARG A 814 -8.12 -24.82 0.65
C ARG A 814 -8.70 -23.82 -0.33
N PHE A 815 -8.11 -22.60 -0.46
CA PHE A 815 -8.68 -21.63 -1.43
C PHE A 815 -8.54 -22.19 -2.84
N HIS A 816 -7.40 -22.88 -3.03
CA HIS A 816 -7.11 -23.46 -4.32
C HIS A 816 -7.62 -24.90 -4.42
N ASP A 817 -8.62 -25.27 -3.62
CA ASP A 817 -9.29 -26.60 -3.77
C ASP A 817 -9.54 -26.89 -5.23
N ILE A 818 -9.24 -28.11 -5.62
CA ILE A 818 -9.26 -28.47 -7.03
C ILE A 818 -10.64 -28.57 -7.67
N SER A 819 -11.70 -28.56 -6.87
CA SER A 819 -13.04 -28.44 -7.39
C SER A 819 -13.34 -27.06 -7.99
N GLY A 820 -12.53 -26.08 -7.61
CA GLY A 820 -12.77 -24.69 -8.01
C GLY A 820 -13.76 -23.95 -7.12
N LYS A 821 -14.16 -24.58 -5.99
CA LYS A 821 -15.24 -24.03 -5.13
C LYS A 821 -14.79 -22.69 -4.47
N GLY A 822 -13.49 -22.61 -4.12
CA GLY A 822 -12.91 -21.37 -3.60
C GLY A 822 -12.96 -20.24 -4.65
N TYR A 823 -12.62 -20.52 -5.90
CA TYR A 823 -12.60 -19.51 -6.94
C TYR A 823 -14.05 -19.06 -7.19
N LYS A 824 -14.96 -20.02 -7.16
CA LYS A 824 -16.41 -19.79 -7.32
C LYS A 824 -16.95 -18.86 -6.24
N LEU A 825 -16.55 -19.11 -4.99
CA LEU A 825 -16.98 -18.34 -3.82
C LEU A 825 -16.48 -16.91 -3.96
N ILE A 826 -15.18 -16.71 -4.34
CA ILE A 826 -14.68 -15.31 -4.44
C ILE A 826 -15.31 -14.58 -5.60
N ALA A 827 -15.51 -15.25 -6.72
CA ALA A 827 -16.20 -14.62 -7.86
C ALA A 827 -17.64 -14.16 -7.55
N GLU A 828 -18.35 -14.96 -6.74
CA GLU A 828 -19.71 -14.63 -6.29
C GLU A 828 -19.65 -13.36 -5.41
N VAL A 829 -18.65 -13.30 -4.55
CA VAL A 829 -18.47 -12.15 -3.69
C VAL A 829 -18.10 -10.89 -4.51
N ILE A 830 -17.23 -11.03 -5.52
CA ILE A 830 -16.83 -9.91 -6.43
C ILE A 830 -18.10 -9.38 -7.13
N THR A 831 -18.84 -10.27 -7.74
CA THR A 831 -20.03 -9.85 -8.47
C THR A 831 -21.07 -9.14 -7.60
N LYS A 832 -21.27 -9.63 -6.37
CA LYS A 832 -22.25 -9.07 -5.41
C LYS A 832 -21.78 -7.68 -5.00
N THR A 833 -20.48 -7.59 -4.67
CA THR A 833 -19.83 -6.33 -4.32
C THR A 833 -19.86 -5.32 -5.45
N ASP A 834 -19.64 -5.77 -6.68
CA ASP A 834 -19.58 -4.88 -7.83
C ASP A 834 -20.88 -4.08 -8.06
N LYS A 835 -21.99 -4.64 -7.58
CA LYS A 835 -23.29 -3.95 -7.66
C LYS A 835 -23.32 -2.61 -6.90
N PHE A 836 -22.52 -2.47 -5.85
CA PHE A 836 -22.57 -1.21 -5.13
C PHE A 836 -21.23 -0.54 -4.97
N ASN A 837 -20.13 -1.29 -5.09
CA ASN A 837 -18.81 -0.72 -4.91
C ASN A 837 -17.77 -1.37 -5.90
N PRO A 838 -17.70 -0.85 -7.12
CA PRO A 838 -16.78 -1.42 -8.12
C PRO A 838 -15.33 -1.38 -7.70
N MET A 839 -14.93 -0.35 -6.95
CA MET A 839 -13.54 -0.29 -6.51
C MET A 839 -13.17 -1.51 -5.63
N VAL A 840 -13.95 -1.77 -4.59
CA VAL A 840 -13.71 -2.88 -3.71
C VAL A 840 -13.88 -4.18 -4.48
N ALA A 841 -14.83 -4.25 -5.44
CA ALA A 841 -14.95 -5.49 -6.25
C ALA A 841 -13.66 -5.80 -6.93
N THR A 842 -13.00 -4.77 -7.45
CA THR A 842 -11.73 -4.97 -8.12
C THR A 842 -10.62 -5.42 -7.14
N GLN A 843 -10.61 -4.82 -5.97
CA GLN A 843 -9.68 -5.23 -4.95
C GLN A 843 -9.85 -6.71 -4.61
N LEU A 844 -11.07 -7.20 -4.61
CA LEU A 844 -11.34 -8.58 -4.27
C LEU A 844 -10.96 -9.53 -5.37
N CYS A 845 -10.68 -9.02 -6.58
CA CYS A 845 -10.04 -9.84 -7.64
C CYS A 845 -8.58 -10.23 -7.40
N GLU A 846 -7.96 -9.70 -6.37
CA GLU A 846 -6.53 -9.93 -6.20
C GLU A 846 -6.01 -11.41 -6.34
N PRO A 847 -6.72 -12.41 -5.76
CA PRO A 847 -6.28 -13.80 -5.83
C PRO A 847 -6.11 -14.24 -7.30
N PHE A 848 -6.91 -13.68 -8.21
CA PHE A 848 -6.90 -14.07 -9.60
C PHE A 848 -5.69 -13.53 -10.35
N LYS A 849 -4.90 -12.61 -9.75
CA LYS A 849 -3.79 -11.98 -10.50
C LYS A 849 -2.77 -12.96 -10.95
N LEU A 850 -2.67 -14.09 -10.24
CA LEU A 850 -1.67 -15.11 -10.66
C LEU A 850 -2.25 -16.28 -11.44
N TRP A 851 -3.45 -16.11 -11.99
CA TRP A 851 -4.15 -17.24 -12.58
C TRP A 851 -3.29 -17.95 -13.62
N ASN A 852 -2.52 -17.20 -14.38
CA ASN A 852 -1.86 -17.83 -15.53
C ASN A 852 -0.52 -18.43 -15.13
N LYS A 853 -0.23 -18.40 -13.84
CA LYS A 853 1.00 -19.01 -13.26
C LYS A 853 0.77 -20.36 -12.61
N LEU A 854 -0.47 -20.77 -12.45
CA LEU A 854 -0.80 -22.04 -11.79
C LEU A 854 -0.75 -23.22 -12.79
N ASP A 855 -0.85 -24.45 -12.27
CA ASP A 855 -1.05 -25.67 -13.07
C ASP A 855 -2.23 -25.56 -14.03
N THR A 856 -2.18 -26.26 -15.14
CA THR A 856 -3.23 -26.07 -16.17
C THR A 856 -4.70 -26.28 -15.73
N LYS A 857 -4.98 -27.20 -14.80
CA LYS A 857 -6.33 -27.34 -14.29
C LYS A 857 -6.80 -26.08 -13.55
N ARG A 858 -5.93 -25.54 -12.70
CA ARG A 858 -6.35 -24.37 -11.90
C ARG A 858 -6.36 -23.12 -12.79
N GLN A 859 -5.49 -23.00 -13.78
CA GLN A 859 -5.63 -21.86 -14.73
C GLN A 859 -7.02 -21.88 -15.33
N GLU A 860 -7.45 -23.08 -15.73
CA GLU A 860 -8.77 -23.22 -16.38
C GLU A 860 -9.96 -22.87 -15.45
N LEU A 861 -9.92 -23.35 -14.22
CA LEU A 861 -10.95 -23.05 -13.23
C LEU A 861 -11.04 -21.53 -12.97
N MET A 862 -9.89 -20.88 -12.82
CA MET A 862 -9.93 -19.46 -12.51
C MET A 862 -10.45 -18.68 -13.72
N LEU A 863 -9.90 -18.98 -14.87
CA LEU A 863 -10.36 -18.37 -16.15
C LEU A 863 -11.87 -18.55 -16.33
N ASN A 864 -12.39 -19.73 -15.98
CA ASN A 864 -13.84 -19.96 -16.11
CA ASN A 864 -13.84 -19.97 -16.07
C ASN A 864 -14.62 -18.96 -15.21
N GLU A 865 -14.11 -18.71 -14.00
CA GLU A 865 -14.79 -17.77 -13.10
C GLU A 865 -14.69 -16.36 -13.57
N MET A 866 -13.50 -15.94 -14.01
CA MET A 866 -13.33 -14.61 -14.57
C MET A 866 -14.23 -14.41 -15.76
N ASN A 867 -14.30 -15.43 -16.61
CA ASN A 867 -15.18 -15.30 -17.77
C ASN A 867 -16.66 -15.21 -17.36
N THR A 868 -17.07 -16.00 -16.38
CA THR A 868 -18.43 -15.84 -15.80
C THR A 868 -18.70 -14.42 -15.27
N MET A 869 -17.79 -13.86 -14.46
CA MET A 869 -17.98 -12.49 -14.02
C MET A 869 -18.09 -11.50 -15.18
N LEU A 870 -17.24 -11.69 -16.21
CA LEU A 870 -17.23 -10.79 -17.37
C LEU A 870 -18.58 -10.82 -18.13
N GLN A 871 -19.28 -11.95 -18.04
CA GLN A 871 -20.55 -12.16 -18.72
C GLN A 871 -21.75 -11.56 -17.95
N GLU A 872 -21.52 -11.04 -16.74
CA GLU A 872 -22.63 -10.45 -15.93
C GLU A 872 -23.21 -9.23 -16.65
N PRO A 873 -24.56 -9.19 -16.92
CA PRO A 873 -25.00 -8.06 -17.72
C PRO A 873 -24.77 -6.75 -16.98
N GLN A 874 -24.77 -6.79 -15.66
CA GLN A 874 -24.68 -5.56 -14.88
C GLN A 874 -23.23 -5.17 -14.43
N ILE A 875 -22.23 -5.80 -15.03
CA ILE A 875 -20.80 -5.50 -14.65
C ILE A 875 -20.43 -4.02 -14.75
N SER A 876 -19.76 -3.47 -13.72
CA SER A 876 -19.26 -2.11 -13.74
C SER A 876 -18.20 -1.92 -14.84
N ASN A 877 -18.01 -0.69 -15.30
CA ASN A 877 -16.95 -0.45 -16.26
C ASN A 877 -15.60 -0.76 -15.59
N ASN A 878 -15.46 -0.37 -14.33
CA ASN A 878 -14.28 -0.65 -13.58
C ASN A 878 -13.89 -2.13 -13.57
N LEU A 879 -14.85 -2.94 -13.16
CA LEU A 879 -14.54 -4.38 -13.03
C LEU A 879 -14.25 -4.99 -14.41
N LYS A 880 -15.08 -4.60 -15.39
CA LYS A 880 -14.93 -5.15 -16.73
C LYS A 880 -13.57 -4.88 -17.34
N GLU A 881 -13.08 -3.65 -17.25
CA GLU A 881 -11.82 -3.26 -17.81
C GLU A 881 -10.68 -4.03 -17.12
N TYR A 882 -10.78 -4.16 -15.81
CA TYR A 882 -9.77 -4.91 -15.06
C TYR A 882 -9.70 -6.39 -15.47
N LEU A 883 -10.87 -7.07 -15.55
CA LEU A 883 -10.92 -8.46 -15.88
C LEU A 883 -10.52 -8.74 -17.32
N LEU A 884 -10.83 -7.78 -18.21
CA LEU A 884 -10.41 -7.86 -19.67
C LEU A 884 -8.86 -7.79 -19.83
N ARG A 885 -8.24 -6.92 -19.03
CA ARG A 885 -6.81 -6.77 -19.07
C ARG A 885 -6.18 -7.98 -18.39
N LEU A 886 -6.78 -8.44 -17.29
CA LEU A 886 -6.21 -9.60 -16.59
C LEU A 886 -6.26 -10.88 -17.42
N THR A 887 -7.30 -11.06 -18.23
CA THR A 887 -7.47 -12.33 -18.89
C THR A 887 -6.96 -12.24 -20.32
N ASN A 888 -6.27 -11.13 -20.62
CA ASN A 888 -5.69 -10.93 -21.94
C ASN A 888 -6.70 -11.03 -23.05
N LYS A 889 -7.80 -10.30 -22.93
CA LYS A 889 -8.81 -10.32 -24.01
C LYS A 889 -8.66 -9.07 -24.89
#